data_7WNK
#
_entry.id   7WNK
#
_cell.length_a   73.765
_cell.length_b   113.174
_cell.length_c   119.908
_cell.angle_alpha   90.000
_cell.angle_beta   90.000
_cell.angle_gamma   90.000
#
_symmetry.space_group_name_H-M   'P 21 21 21'
#
loop_
_entity.id
_entity.type
_entity.pdbx_description
1 polymer 'Superoxide dismutase'
2 non-polymer 'MANGANESE (II) ION'
3 non-polymer DI(HYDROXYETHYL)ETHER
4 non-polymer 'AZIDE ION'
5 non-polymer 'BROMIDE ION'
6 water water
#
_entity_poly.entity_id   1
_entity_poly.type   'polypeptide(L)'
_entity_poly.pdbx_seq_one_letter_code
;MAFELPNLPYGFRALEPHIDQQTMEIHHDKHHNTYVTRLNAAVEGTDLESKSIEEIVANLDSVPENIQTAVRNNGGGHLN
HSLFWELLTPNSEEKGTVVDKIKEQWGSLDAFKEEFANQAEARFGSGWAWLVVNDGKLEIVTTPNQDNPLTEGKTPILGL
DVWEHAYYLKYQNKRPDYISAFWNVVNWEKVDELYNAAKHHHHHH
;
_entity_poly.pdbx_strand_id   A,B,C,D
#
loop_
_chem_comp.id
_chem_comp.type
_chem_comp.name
_chem_comp.formula
AZI non-polymer 'AZIDE ION' 'N3 -1'
BR non-polymer 'BROMIDE ION' 'Br -1'
MN non-polymer 'MANGANESE (II) ION' 'Mn 2'
PEG non-polymer DI(HYDROXYETHYL)ETHER 'C4 H10 O3'
#
# COMPACT_ATOMS: atom_id res chain seq x y z
N ALA A 2 -26.04 -33.93 13.35
CA ALA A 2 -25.86 -33.44 11.96
C ALA A 2 -26.04 -31.92 11.94
N PHE A 3 -25.43 -31.25 10.97
CA PHE A 3 -25.59 -29.79 10.75
C PHE A 3 -26.95 -29.53 10.12
N GLU A 4 -27.54 -28.39 10.47
CA GLU A 4 -28.86 -27.98 9.97
C GLU A 4 -28.75 -26.60 9.32
N LEU A 5 -29.58 -26.37 8.31
CA LEU A 5 -29.73 -25.04 7.68
C LEU A 5 -30.52 -24.14 8.62
N PRO A 6 -29.91 -23.09 9.21
CA PRO A 6 -30.65 -22.21 10.09
C PRO A 6 -31.59 -21.34 9.25
N ASN A 7 -32.81 -21.14 9.72
CA ASN A 7 -33.72 -20.16 9.09
C ASN A 7 -33.06 -18.78 9.17
N LEU A 8 -33.30 -17.93 8.17
CA LEU A 8 -33.04 -16.47 8.31
C LEU A 8 -33.79 -15.95 9.52
N PRO A 9 -33.24 -14.90 10.17
CA PRO A 9 -33.94 -14.16 11.21
C PRO A 9 -35.03 -13.20 10.74
N TYR A 10 -35.40 -13.24 9.45
CA TYR A 10 -36.36 -12.30 8.81
C TYR A 10 -36.87 -12.99 7.56
N GLY A 11 -37.93 -12.46 6.97
CA GLY A 11 -38.45 -12.96 5.68
C GLY A 11 -37.53 -12.61 4.52
N PHE A 12 -37.74 -13.26 3.38
CA PHE A 12 -36.90 -13.06 2.17
C PHE A 12 -37.01 -11.62 1.67
N ARG A 13 -38.07 -10.90 2.04
CA ARG A 13 -38.28 -9.51 1.55
C ARG A 13 -37.73 -8.49 2.54
N ALA A 14 -37.20 -8.90 3.69
CA ALA A 14 -36.96 -7.99 4.83
C ALA A 14 -35.85 -6.99 4.48
N LEU A 15 -34.94 -7.32 3.58
CA LEU A 15 -33.75 -6.48 3.28
C LEU A 15 -33.96 -5.65 2.00
N GLU A 16 -35.15 -5.73 1.39
CA GLU A 16 -35.51 -4.86 0.24
C GLU A 16 -35.50 -3.41 0.70
N PRO A 17 -35.09 -2.44 -0.14
CA PRO A 17 -34.59 -2.66 -1.50
C PRO A 17 -33.07 -2.74 -1.66
N HIS A 18 -32.38 -3.15 -0.60
CA HIS A 18 -30.90 -3.24 -0.54
C HIS A 18 -30.45 -4.59 -1.11
N ILE A 19 -31.10 -5.67 -0.69
CA ILE A 19 -30.89 -7.02 -1.27
C ILE A 19 -32.27 -7.57 -1.64
N ASP A 20 -32.38 -8.08 -2.87
CA ASP A 20 -33.66 -8.48 -3.47
C ASP A 20 -34.14 -9.81 -2.87
N GLN A 21 -35.46 -9.98 -2.78
CA GLN A 21 -36.11 -11.19 -2.22
C GLN A 21 -35.74 -12.45 -2.99
N GLN A 22 -35.61 -12.38 -4.33
CA GLN A 22 -35.32 -13.59 -5.14
C GLN A 22 -33.96 -14.13 -4.69
N THR A 23 -32.97 -13.24 -4.57
CA THR A 23 -31.62 -13.61 -4.10
C THR A 23 -31.70 -14.18 -2.68
N MET A 24 -32.40 -13.53 -1.76
CA MET A 24 -32.39 -14.02 -0.36
C MET A 24 -32.92 -15.46 -0.37
N GLU A 25 -33.96 -15.74 -1.15
CA GLU A 25 -34.62 -17.07 -1.18
C GLU A 25 -33.64 -18.11 -1.75
N ILE A 26 -33.06 -17.85 -2.92
CA ILE A 26 -32.20 -18.85 -3.61
C ILE A 26 -30.90 -19.00 -2.83
N HIS A 27 -30.35 -17.87 -2.39
CA HIS A 27 -29.07 -17.85 -1.67
C HIS A 27 -29.19 -18.74 -0.42
N HIS A 28 -30.29 -18.61 0.31
CA HIS A 28 -30.52 -19.39 1.55
C HIS A 28 -30.99 -20.80 1.22
N ASP A 29 -32.08 -20.95 0.48
CA ASP A 29 -32.77 -22.26 0.37
C ASP A 29 -32.06 -23.18 -0.63
N LYS A 30 -31.22 -22.64 -1.51
CA LYS A 30 -30.45 -23.46 -2.50
C LYS A 30 -28.97 -23.46 -2.12
N HIS A 31 -28.30 -22.30 -2.19
CA HIS A 31 -26.82 -22.27 -2.04
C HIS A 31 -26.42 -22.76 -0.64
N HIS A 32 -26.96 -22.17 0.42
CA HIS A 32 -26.56 -22.56 1.79
C HIS A 32 -27.00 -24.01 2.03
N ASN A 33 -28.23 -24.35 1.62
CA ASN A 33 -28.77 -25.71 1.83
C ASN A 33 -27.80 -26.74 1.24
N THR A 34 -27.27 -26.50 0.05
CA THR A 34 -26.34 -27.43 -0.64
C THR A 34 -25.08 -27.61 0.22
N TYR A 35 -24.55 -26.52 0.79
CA TYR A 35 -23.36 -26.61 1.67
C TYR A 35 -23.65 -27.52 2.87
N VAL A 36 -24.84 -27.41 3.45
CA VAL A 36 -25.20 -28.23 4.65
C VAL A 36 -25.24 -29.70 4.23
N THR A 37 -25.95 -30.01 3.15
CA THR A 37 -26.13 -31.39 2.63
C THR A 37 -24.73 -32.00 2.47
N ARG A 38 -23.83 -31.29 1.82
CA ARG A 38 -22.49 -31.81 1.42
C ARG A 38 -21.57 -31.88 2.64
N LEU A 39 -21.67 -30.92 3.55
CA LEU A 39 -20.92 -30.95 4.83
C LEU A 39 -21.32 -32.20 5.61
N ASN A 40 -22.62 -32.47 5.74
CA ASN A 40 -23.12 -33.63 6.51
C ASN A 40 -22.60 -34.93 5.87
N ALA A 41 -22.61 -35.02 4.54
CA ALA A 41 -22.10 -36.20 3.82
C ALA A 41 -20.61 -36.40 4.16
N ALA A 42 -19.84 -35.31 4.27
CA ALA A 42 -18.37 -35.39 4.49
C ALA A 42 -18.09 -35.83 5.93
N VAL A 43 -18.85 -35.35 6.92
CA VAL A 43 -18.48 -35.49 8.37
C VAL A 43 -19.28 -36.64 9.02
N GLU A 44 -20.42 -37.01 8.43
CA GLU A 44 -21.29 -38.11 8.92
C GLU A 44 -20.41 -39.30 9.35
N GLY A 45 -20.56 -39.75 10.59
CA GLY A 45 -19.99 -41.02 11.10
C GLY A 45 -18.51 -40.88 11.42
N THR A 46 -17.98 -39.65 11.41
CA THR A 46 -16.55 -39.35 11.71
C THR A 46 -16.46 -38.59 13.03
N ASP A 47 -15.25 -38.39 13.52
CA ASP A 47 -14.96 -37.70 14.80
C ASP A 47 -15.31 -36.21 14.66
N LEU A 48 -15.52 -35.72 13.43
CA LEU A 48 -15.84 -34.29 13.18
C LEU A 48 -17.30 -34.01 13.53
N GLU A 49 -18.17 -35.05 13.54
CA GLU A 49 -19.65 -34.88 13.54
C GLU A 49 -20.07 -34.13 14.80
N SER A 50 -19.35 -34.33 15.91
CA SER A 50 -19.67 -33.81 17.27
C SER A 50 -18.99 -32.46 17.50
N LYS A 51 -18.19 -31.99 16.54
CA LYS A 51 -17.41 -30.73 16.68
C LYS A 51 -18.25 -29.58 16.13
N SER A 52 -18.14 -28.40 16.72
CA SER A 52 -18.77 -27.15 16.22
C SER A 52 -18.18 -26.84 14.85
N ILE A 53 -18.95 -26.21 13.97
CA ILE A 53 -18.45 -25.86 12.60
C ILE A 53 -17.27 -24.91 12.76
N GLU A 54 -17.25 -24.11 13.82
CA GLU A 54 -16.13 -23.15 14.08
C GLU A 54 -14.86 -23.93 14.41
N GLU A 55 -14.96 -24.97 15.23
CA GLU A 55 -13.79 -25.81 15.60
C GLU A 55 -13.28 -26.51 14.35
N ILE A 56 -14.19 -27.07 13.55
CA ILE A 56 -13.83 -27.78 12.28
C ILE A 56 -13.07 -26.83 11.36
N VAL A 57 -13.60 -25.63 11.11
CA VAL A 57 -13.02 -24.70 10.11
C VAL A 57 -11.69 -24.16 10.65
N ALA A 58 -11.60 -23.88 11.95
CA ALA A 58 -10.34 -23.43 12.60
C ALA A 58 -9.25 -24.47 12.33
N ASN A 59 -9.62 -25.75 12.25
CA ASN A 59 -8.67 -26.89 12.32
C ASN A 59 -8.72 -27.71 11.02
N LEU A 60 -8.99 -27.08 9.86
CA LEU A 60 -9.04 -27.76 8.54
C LEU A 60 -7.74 -28.55 8.31
N ASP A 61 -6.62 -28.00 8.79
CA ASP A 61 -5.26 -28.56 8.60
C ASP A 61 -5.25 -30.04 9.01
N SER A 62 -6.04 -30.41 10.03
CA SER A 62 -6.03 -31.74 10.68
C SER A 62 -7.13 -32.64 10.11
N VAL A 63 -7.93 -32.15 9.16
CA VAL A 63 -8.99 -32.97 8.50
C VAL A 63 -8.29 -33.93 7.54
N PRO A 64 -8.58 -35.25 7.65
CA PRO A 64 -8.08 -36.24 6.69
C PRO A 64 -8.21 -35.80 5.23
N GLU A 65 -7.18 -36.08 4.42
CA GLU A 65 -7.05 -35.63 3.01
C GLU A 65 -8.26 -36.05 2.18
N ASN A 66 -8.85 -37.21 2.49
CA ASN A 66 -9.93 -37.80 1.64
C ASN A 66 -11.20 -36.94 1.75
N ILE A 67 -11.34 -36.10 2.78
CA ILE A 67 -12.54 -35.23 2.94
C ILE A 67 -12.15 -33.77 3.16
N GLN A 68 -10.86 -33.44 3.16
CA GLN A 68 -10.40 -32.06 3.54
C GLN A 68 -11.03 -31.03 2.59
N THR A 69 -11.03 -31.27 1.28
CA THR A 69 -11.52 -30.26 0.32
C THR A 69 -13.02 -30.08 0.56
N ALA A 70 -13.76 -31.18 0.71
CA ALA A 70 -15.23 -31.13 0.89
C ALA A 70 -15.55 -30.39 2.19
N VAL A 71 -14.79 -30.63 3.26
CA VAL A 71 -15.01 -29.96 4.57
C VAL A 71 -14.61 -28.48 4.43
N ARG A 72 -13.48 -28.18 3.78
CA ARG A 72 -13.04 -26.77 3.55
C ARG A 72 -14.17 -26.01 2.85
N ASN A 73 -14.65 -26.53 1.73
CA ASN A 73 -15.57 -25.80 0.81
C ASN A 73 -16.97 -25.74 1.46
N ASN A 74 -17.47 -26.88 1.96
CA ASN A 74 -18.87 -26.99 2.43
C ASN A 74 -18.97 -26.57 3.90
N GLY A 75 -17.96 -26.91 4.71
CA GLY A 75 -17.85 -26.40 6.10
C GLY A 75 -17.71 -24.89 6.10
N GLY A 76 -16.82 -24.36 5.26
CA GLY A 76 -16.69 -22.91 5.07
C GLY A 76 -18.02 -22.32 4.61
N GLY A 77 -18.65 -22.95 3.62
CA GLY A 77 -19.92 -22.43 3.08
C GLY A 77 -20.96 -22.34 4.19
N HIS A 78 -21.04 -23.36 5.05
CA HIS A 78 -22.03 -23.41 6.14
C HIS A 78 -21.72 -22.31 7.17
N LEU A 79 -20.47 -22.21 7.61
CA LEU A 79 -20.08 -21.20 8.61
C LEU A 79 -20.30 -19.79 8.05
N ASN A 80 -19.83 -19.55 6.83
CA ASN A 80 -19.80 -18.19 6.24
C ASN A 80 -21.25 -17.70 6.08
N HIS A 81 -22.13 -18.53 5.54
CA HIS A 81 -23.54 -18.12 5.33
C HIS A 81 -24.26 -18.01 6.67
N SER A 82 -23.97 -18.89 7.63
CA SER A 82 -24.58 -18.83 8.99
C SER A 82 -24.24 -17.47 9.61
N LEU A 83 -23.00 -17.02 9.49
CA LEU A 83 -22.58 -15.69 9.99
C LEU A 83 -23.34 -14.61 9.22
N PHE A 84 -23.32 -14.71 7.89
CA PHE A 84 -23.85 -13.66 6.99
C PHE A 84 -25.31 -13.36 7.34
N TRP A 85 -26.15 -14.38 7.51
CA TRP A 85 -27.60 -14.12 7.73
C TRP A 85 -27.79 -13.32 9.02
N GLU A 86 -27.00 -13.62 10.05
CA GLU A 86 -27.17 -12.98 11.39
C GLU A 86 -26.54 -11.58 11.33
N LEU A 87 -25.65 -11.33 10.37
CA LEU A 87 -24.94 -10.03 10.24
C LEU A 87 -25.73 -9.05 9.36
N LEU A 88 -26.88 -9.47 8.84
CA LEU A 88 -27.79 -8.58 8.07
C LEU A 88 -29.04 -8.31 8.90
N THR A 89 -29.64 -7.15 8.72
CA THR A 89 -30.86 -6.77 9.47
C THR A 89 -31.58 -5.68 8.72
N PRO A 90 -32.93 -5.67 8.78
CA PRO A 90 -33.72 -4.52 8.34
C PRO A 90 -33.66 -3.30 9.28
N ASN A 91 -32.97 -3.43 10.41
CA ASN A 91 -32.94 -2.40 11.48
C ASN A 91 -31.49 -2.06 11.84
N SER A 92 -30.67 -1.73 10.85
CA SER A 92 -29.23 -1.41 11.03
C SER A 92 -29.09 -0.09 11.80
N GLU A 93 -28.20 -0.07 12.80
CA GLU A 93 -27.79 1.18 13.48
C GLU A 93 -26.27 1.19 13.63
N GLU A 94 -25.63 2.21 13.05
CA GLU A 94 -24.14 2.33 13.02
C GLU A 94 -23.67 2.92 14.35
N LYS A 95 -23.66 2.08 15.38
CA LYS A 95 -23.07 2.43 16.69
C LYS A 95 -22.66 1.15 17.40
N GLY A 96 -21.91 1.31 18.50
CA GLY A 96 -21.63 0.23 19.45
C GLY A 96 -20.14 0.02 19.60
N THR A 97 -19.78 -1.10 20.22
CA THR A 97 -18.42 -1.44 20.65
C THR A 97 -17.50 -1.41 19.43
N VAL A 98 -17.87 -2.09 18.35
CA VAL A 98 -16.95 -2.28 17.21
C VAL A 98 -16.90 -1.00 16.37
N VAL A 99 -18.01 -0.29 16.19
CA VAL A 99 -17.97 1.05 15.54
C VAL A 99 -16.94 1.91 16.28
N ASP A 100 -16.92 1.89 17.62
CA ASP A 100 -15.99 2.73 18.42
C ASP A 100 -14.56 2.24 18.16
N LYS A 101 -14.33 0.93 18.17
CA LYS A 101 -13.00 0.32 17.96
C LYS A 101 -12.52 0.61 16.53
N ILE A 102 -13.43 0.60 15.55
CA ILE A 102 -13.10 0.97 14.15
C ILE A 102 -12.56 2.41 14.13
N LYS A 103 -13.23 3.33 14.80
CA LYS A 103 -12.80 4.74 14.78
C LYS A 103 -11.41 4.85 15.42
N GLU A 104 -11.09 4.04 16.44
CA GLU A 104 -9.77 4.06 17.11
C GLU A 104 -8.66 3.55 16.18
N GLN A 105 -9.01 2.77 15.16
CA GLN A 105 -8.03 2.19 14.20
C GLN A 105 -7.98 3.07 12.94
N TRP A 106 -9.14 3.31 12.31
CA TRP A 106 -9.26 3.97 10.99
C TRP A 106 -9.40 5.49 11.12
N GLY A 107 -9.81 5.98 12.30
CA GLY A 107 -10.12 7.40 12.52
C GLY A 107 -11.59 7.69 12.32
N SER A 108 -12.25 6.98 11.41
CA SER A 108 -13.68 7.19 11.08
C SER A 108 -14.27 5.90 10.51
N LEU A 109 -15.58 5.73 10.67
CA LEU A 109 -16.31 4.63 10.00
C LEU A 109 -16.17 4.78 8.48
N ASP A 110 -16.22 6.01 7.95
CA ASP A 110 -16.08 6.26 6.49
C ASP A 110 -14.74 5.69 6.01
N ALA A 111 -13.64 5.90 6.74
CA ALA A 111 -12.31 5.46 6.29
C ALA A 111 -12.26 3.93 6.29
N PHE A 112 -12.86 3.31 7.30
CA PHE A 112 -13.01 1.83 7.37
C PHE A 112 -13.80 1.34 6.16
N LYS A 113 -14.93 1.97 5.87
CA LYS A 113 -15.80 1.52 4.75
C LYS A 113 -15.04 1.62 3.44
N GLU A 114 -14.22 2.65 3.28
CA GLU A 114 -13.41 2.84 2.05
C GLU A 114 -12.45 1.66 1.88
N GLU A 115 -11.71 1.30 2.93
CA GLU A 115 -10.75 0.18 2.83
C GLU A 115 -11.53 -1.12 2.59
N PHE A 116 -12.63 -1.32 3.30
CA PHE A 116 -13.44 -2.55 3.18
C PHE A 116 -13.92 -2.67 1.73
N ALA A 117 -14.47 -1.59 1.18
CA ALA A 117 -15.02 -1.57 -0.19
C ALA A 117 -13.90 -1.85 -1.18
N ASN A 118 -12.72 -1.27 -0.96
CA ASN A 118 -11.58 -1.43 -1.89
C ASN A 118 -11.15 -2.90 -1.90
N GLN A 119 -10.98 -3.51 -0.73
CA GLN A 119 -10.52 -4.92 -0.64
C GLN A 119 -11.62 -5.83 -1.20
N ALA A 120 -12.88 -5.57 -0.86
CA ALA A 120 -14.01 -6.39 -1.33
C ALA A 120 -14.08 -6.34 -2.86
N GLU A 121 -13.91 -5.15 -3.46
CA GLU A 121 -13.96 -4.99 -4.93
CA GLU A 121 -13.95 -4.98 -4.93
C GLU A 121 -12.77 -5.72 -5.58
N ALA A 122 -11.61 -5.75 -4.92
CA ALA A 122 -10.36 -6.27 -5.53
C ALA A 122 -10.28 -7.80 -5.39
N ARG A 123 -11.14 -8.43 -4.60
CA ARG A 123 -11.18 -9.91 -4.47
C ARG A 123 -11.62 -10.48 -5.82
N PHE A 124 -10.69 -11.09 -6.54
CA PHE A 124 -10.92 -11.56 -7.92
C PHE A 124 -11.51 -12.97 -7.89
N GLY A 125 -12.60 -13.18 -8.61
CA GLY A 125 -13.36 -14.43 -8.59
C GLY A 125 -14.30 -14.47 -7.42
N SER A 126 -14.51 -15.65 -6.84
CA SER A 126 -15.48 -15.87 -5.75
C SER A 126 -14.79 -15.66 -4.40
N GLY A 127 -15.47 -15.08 -3.43
CA GLY A 127 -14.97 -15.10 -2.05
C GLY A 127 -15.72 -14.15 -1.15
N TRP A 128 -15.05 -13.70 -0.09
CA TRP A 128 -15.64 -12.98 1.06
C TRP A 128 -14.71 -11.85 1.45
N ALA A 129 -15.28 -10.73 1.88
CA ALA A 129 -14.52 -9.65 2.53
C ALA A 129 -14.86 -9.69 4.02
N TRP A 130 -13.85 -9.52 4.88
CA TRP A 130 -14.02 -9.66 6.35
C TRP A 130 -13.40 -8.50 7.10
N LEU A 131 -14.06 -8.08 8.17
CA LEU A 131 -13.41 -7.45 9.34
C LEU A 131 -13.10 -8.54 10.35
N VAL A 132 -11.86 -8.64 10.79
CA VAL A 132 -11.42 -9.69 11.76
C VAL A 132 -10.78 -9.00 12.96
N VAL A 133 -10.75 -9.73 14.08
CA VAL A 133 -9.84 -9.47 15.23
C VAL A 133 -8.65 -10.41 15.10
N ASN A 134 -7.46 -9.83 15.03
CA ASN A 134 -6.17 -10.56 14.93
C ASN A 134 -5.31 -10.13 16.13
N ASP A 135 -5.27 -10.97 17.17
CA ASP A 135 -4.54 -10.70 18.43
C ASP A 135 -4.96 -9.32 18.95
N GLY A 136 -6.27 -9.08 19.04
CA GLY A 136 -6.89 -7.89 19.68
C GLY A 136 -7.03 -6.70 18.74
N LYS A 137 -6.42 -6.77 17.55
CA LYS A 137 -6.35 -5.64 16.58
C LYS A 137 -7.33 -5.89 15.43
N LEU A 138 -7.98 -4.83 14.95
CA LEU A 138 -8.92 -4.95 13.80
C LEU A 138 -8.14 -4.88 12.49
N GLU A 139 -8.47 -5.79 11.58
CA GLU A 139 -7.88 -5.84 10.23
C GLU A 139 -8.98 -6.21 9.23
N ILE A 140 -8.86 -5.71 8.01
CA ILE A 140 -9.68 -6.18 6.87
C ILE A 140 -8.86 -7.17 6.05
N VAL A 141 -9.46 -8.31 5.75
CA VAL A 141 -8.87 -9.35 4.87
C VAL A 141 -9.95 -9.81 3.91
N THR A 142 -9.56 -10.44 2.81
CA THR A 142 -10.52 -11.17 1.95
C THR A 142 -10.04 -12.61 1.84
N THR A 143 -10.96 -13.50 1.52
CA THR A 143 -10.66 -14.94 1.32
C THR A 143 -11.27 -15.39 0.00
N PRO A 144 -10.64 -16.37 -0.66
CA PRO A 144 -11.21 -17.01 -1.84
C PRO A 144 -12.30 -18.01 -1.46
N ASN A 145 -13.29 -18.16 -2.35
CA ASN A 145 -14.26 -19.27 -2.34
C ASN A 145 -14.97 -19.26 -0.97
N GLN A 146 -14.90 -20.34 -0.19
CA GLN A 146 -15.53 -20.37 1.16
C GLN A 146 -14.47 -20.45 2.26
N ASP A 147 -13.23 -20.04 1.96
CA ASP A 147 -12.18 -19.98 3.02
C ASP A 147 -12.63 -18.95 4.07
N ASN A 148 -12.22 -19.16 5.32
CA ASN A 148 -12.65 -18.34 6.47
C ASN A 148 -11.42 -17.99 7.30
N PRO A 149 -11.31 -16.73 7.79
CA PRO A 149 -10.14 -16.31 8.56
C PRO A 149 -9.87 -17.14 9.83
N LEU A 150 -10.85 -17.86 10.36
CA LEU A 150 -10.64 -18.72 11.56
C LEU A 150 -9.49 -19.69 11.28
N THR A 151 -9.35 -20.14 10.05
CA THR A 151 -8.32 -21.14 9.66
C THR A 151 -6.92 -20.53 9.85
N GLU A 152 -6.82 -19.20 9.79
CA GLU A 152 -5.54 -18.46 10.00
C GLU A 152 -5.47 -17.86 11.41
N GLY A 153 -6.32 -18.28 12.33
CA GLY A 153 -6.32 -17.82 13.74
C GLY A 153 -6.78 -16.37 13.87
N LYS A 154 -7.61 -15.88 12.94
CA LYS A 154 -8.24 -14.55 13.03
C LYS A 154 -9.75 -14.73 13.18
N THR A 155 -10.38 -13.94 14.05
CA THR A 155 -11.81 -14.10 14.38
C THR A 155 -12.64 -13.16 13.51
N PRO A 156 -13.51 -13.70 12.62
CA PRO A 156 -14.35 -12.84 11.79
C PRO A 156 -15.50 -12.22 12.59
N ILE A 157 -15.72 -10.91 12.42
CA ILE A 157 -16.80 -10.19 13.14
C ILE A 157 -17.75 -9.49 12.16
N LEU A 158 -17.34 -9.28 10.92
CA LEU A 158 -18.23 -8.84 9.81
C LEU A 158 -17.75 -9.53 8.55
N GLY A 159 -18.68 -10.03 7.74
CA GLY A 159 -18.36 -10.65 6.45
C GLY A 159 -19.33 -10.17 5.39
N LEU A 160 -18.83 -9.99 4.18
CA LEU A 160 -19.66 -9.72 2.99
C LEU A 160 -19.35 -10.76 1.94
N ASP A 161 -20.39 -11.48 1.51
CA ASP A 161 -20.30 -12.47 0.42
C ASP A 161 -20.13 -11.71 -0.90
N VAL A 162 -19.03 -11.89 -1.61
CA VAL A 162 -18.86 -11.27 -2.95
C VAL A 162 -18.82 -12.33 -4.06
N TRP A 163 -19.29 -13.54 -3.79
CA TRP A 163 -19.69 -14.43 -4.89
C TRP A 163 -20.75 -13.73 -5.74
N GLU A 164 -20.72 -13.91 -7.05
CA GLU A 164 -21.66 -13.22 -7.94
C GLU A 164 -23.10 -13.63 -7.59
N HIS A 165 -23.35 -14.86 -7.11
CA HIS A 165 -24.73 -15.26 -6.76
C HIS A 165 -25.30 -14.30 -5.70
N ALA A 166 -24.47 -13.62 -4.93
CA ALA A 166 -24.92 -12.79 -3.80
C ALA A 166 -25.45 -11.45 -4.32
N TYR A 167 -25.12 -11.06 -5.55
CA TYR A 167 -25.45 -9.68 -6.02
C TYR A 167 -25.87 -9.61 -7.49
N TYR A 168 -25.78 -10.68 -8.26
CA TYR A 168 -25.89 -10.56 -9.72
C TYR A 168 -27.33 -10.20 -10.13
N LEU A 169 -28.35 -10.77 -9.48
CA LEU A 169 -29.73 -10.54 -9.95
C LEU A 169 -30.08 -9.05 -9.85
N LYS A 170 -29.64 -8.36 -8.79
CA LYS A 170 -30.01 -6.94 -8.59
C LYS A 170 -28.97 -6.01 -9.21
N TYR A 171 -27.68 -6.36 -9.13
CA TYR A 171 -26.57 -5.40 -9.39
C TYR A 171 -25.76 -5.82 -10.63
N GLN A 172 -25.96 -7.03 -11.14
CA GLN A 172 -25.14 -7.60 -12.24
C GLN A 172 -23.67 -7.28 -11.95
N ASN A 173 -22.94 -6.67 -12.89
CA ASN A 173 -21.46 -6.49 -12.76
C ASN A 173 -21.12 -5.45 -11.69
N LYS A 174 -22.09 -4.71 -11.16
CA LYS A 174 -21.82 -3.50 -10.34
C LYS A 174 -21.55 -3.89 -8.88
N ARG A 175 -20.51 -4.69 -8.63
CA ARG A 175 -20.16 -5.12 -7.26
C ARG A 175 -20.03 -3.90 -6.33
N PRO A 176 -19.38 -2.78 -6.73
CA PRO A 176 -19.31 -1.62 -5.86
C PRO A 176 -20.68 -1.12 -5.34
N ASP A 177 -21.72 -1.19 -6.17
CA ASP A 177 -23.06 -0.70 -5.77
C ASP A 177 -23.64 -1.65 -4.71
N TYR A 178 -23.38 -2.95 -4.86
CA TYR A 178 -23.79 -3.96 -3.87
C TYR A 178 -23.08 -3.69 -2.54
N ILE A 179 -21.79 -3.42 -2.59
CA ILE A 179 -20.99 -3.17 -1.34
C ILE A 179 -21.56 -1.92 -0.67
N SER A 180 -21.88 -0.89 -1.44
CA SER A 180 -22.49 0.35 -0.90
C SER A 180 -23.83 0.03 -0.22
N ALA A 181 -24.65 -0.80 -0.86
CA ALA A 181 -26.00 -1.15 -0.34
C ALA A 181 -25.88 -1.92 0.98
N PHE A 182 -24.87 -2.79 1.09
CA PHE A 182 -24.61 -3.64 2.28
C PHE A 182 -24.60 -2.79 3.56
N TRP A 183 -23.99 -1.61 3.55
CA TRP A 183 -23.86 -0.80 4.79
C TRP A 183 -25.25 -0.54 5.37
N ASN A 184 -26.27 -0.43 4.53
CA ASN A 184 -27.64 -0.08 4.98
C ASN A 184 -28.25 -1.23 5.79
N VAL A 185 -27.68 -2.44 5.73
CA VAL A 185 -28.30 -3.65 6.35
C VAL A 185 -27.33 -4.37 7.29
N VAL A 186 -26.22 -3.74 7.68
CA VAL A 186 -25.27 -4.40 8.61
C VAL A 186 -25.86 -4.43 10.02
N ASN A 187 -25.88 -5.63 10.63
CA ASN A 187 -26.30 -5.81 12.04
C ASN A 187 -25.09 -5.59 12.95
N TRP A 188 -24.88 -4.35 13.39
CA TRP A 188 -23.73 -4.01 14.26
C TRP A 188 -23.89 -4.63 15.66
N GLU A 189 -25.10 -5.00 16.08
CA GLU A 189 -25.26 -5.74 17.36
C GLU A 189 -24.60 -7.12 17.24
N LYS A 190 -24.76 -7.77 16.08
CA LYS A 190 -24.14 -9.10 15.83
C LYS A 190 -22.63 -8.93 15.74
N VAL A 191 -22.17 -7.88 15.05
CA VAL A 191 -20.72 -7.56 14.94
C VAL A 191 -20.15 -7.47 16.37
N ASP A 192 -20.81 -6.68 17.22
CA ASP A 192 -20.37 -6.49 18.62
C ASP A 192 -20.33 -7.85 19.33
N GLU A 193 -21.36 -8.67 19.15
CA GLU A 193 -21.45 -9.99 19.83
C GLU A 193 -20.22 -10.82 19.43
N LEU A 194 -19.91 -10.89 18.13
CA LEU A 194 -18.78 -11.72 17.62
C LEU A 194 -17.47 -11.16 18.17
N TYR A 195 -17.33 -9.84 18.24
CA TYR A 195 -16.11 -9.17 18.75
C TYR A 195 -15.94 -9.52 20.23
N ASN A 196 -17.00 -9.33 21.02
CA ASN A 196 -16.94 -9.53 22.49
C ASN A 196 -16.55 -10.98 22.80
N ALA A 197 -16.92 -11.93 21.95
CA ALA A 197 -16.64 -13.38 22.12
C ALA A 197 -15.26 -13.76 21.57
N ALA A 198 -14.54 -12.86 20.91
CA ALA A 198 -13.27 -13.18 20.22
C ALA A 198 -12.25 -13.74 21.24
N LYS A 199 -11.60 -14.84 20.88
CA LYS A 199 -10.65 -15.61 21.75
C LYS A 199 -9.21 -15.27 21.34
N ALA B 2 -3.51 -1.17 -26.43
CA ALA B 2 -3.40 -1.75 -27.78
C ALA B 2 -4.27 -3.00 -27.93
N PHE B 3 -4.61 -3.72 -26.85
CA PHE B 3 -5.63 -4.80 -26.95
C PHE B 3 -6.99 -4.16 -27.14
N GLU B 4 -7.85 -4.82 -27.92
CA GLU B 4 -9.19 -4.30 -28.25
C GLU B 4 -10.24 -5.35 -27.88
N LEU B 5 -11.42 -4.88 -27.47
CA LEU B 5 -12.59 -5.74 -27.26
C LEU B 5 -13.14 -6.15 -28.63
N PRO B 6 -13.08 -7.46 -28.98
CA PRO B 6 -13.61 -7.91 -30.26
C PRO B 6 -15.13 -7.82 -30.22
N ASN B 7 -15.77 -7.42 -31.31
CA ASN B 7 -17.24 -7.51 -31.45
C ASN B 7 -17.63 -8.99 -31.32
N LEU B 8 -18.78 -9.28 -30.71
CA LEU B 8 -19.34 -10.65 -30.85
C LEU B 8 -19.50 -10.95 -32.33
N PRO B 9 -19.30 -12.22 -32.75
CA PRO B 9 -19.48 -12.59 -34.15
C PRO B 9 -20.92 -12.92 -34.56
N TYR B 10 -21.89 -12.50 -33.74
CA TYR B 10 -23.37 -12.64 -33.96
C TYR B 10 -24.03 -11.60 -33.06
N GLY B 11 -25.34 -11.45 -33.15
CA GLY B 11 -26.09 -10.49 -32.34
C GLY B 11 -26.22 -10.94 -30.89
N PHE B 12 -26.44 -9.98 -29.98
CA PHE B 12 -26.65 -10.28 -28.54
C PHE B 12 -27.80 -11.27 -28.35
N ARG B 13 -28.80 -11.27 -29.24
CA ARG B 13 -30.02 -12.13 -29.16
C ARG B 13 -29.83 -13.47 -29.86
N ALA B 14 -28.70 -13.70 -30.54
CA ALA B 14 -28.57 -14.81 -31.51
C ALA B 14 -28.56 -16.17 -30.79
N LEU B 15 -28.23 -16.21 -29.49
CA LEU B 15 -28.08 -17.51 -28.78
C LEU B 15 -29.32 -17.83 -27.94
N GLU B 16 -30.38 -17.04 -28.06
CA GLU B 16 -31.68 -17.32 -27.38
C GLU B 16 -32.23 -18.64 -27.91
N PRO B 17 -32.94 -19.44 -27.09
CA PRO B 17 -33.16 -19.17 -25.66
C PRO B 17 -32.14 -19.78 -24.70
N HIS B 18 -31.00 -20.24 -25.24
CA HIS B 18 -29.97 -21.00 -24.47
C HIS B 18 -29.15 -20.04 -23.60
N ILE B 19 -28.73 -18.91 -24.16
CA ILE B 19 -28.12 -17.81 -23.36
C ILE B 19 -28.90 -16.53 -23.65
N ASP B 20 -29.35 -15.86 -22.59
CA ASP B 20 -30.21 -14.66 -22.69
C ASP B 20 -29.42 -13.48 -23.24
N GLN B 21 -30.11 -12.62 -24.01
CA GLN B 21 -29.55 -11.39 -24.63
C GLN B 21 -28.96 -10.47 -23.57
N GLN B 22 -29.60 -10.30 -22.41
CA GLN B 22 -29.12 -9.36 -21.37
C GLN B 22 -27.73 -9.80 -20.92
N THR B 23 -27.57 -11.09 -20.65
CA THR B 23 -26.26 -11.67 -20.26
C THR B 23 -25.26 -11.46 -21.40
N MET B 24 -25.60 -11.76 -22.65
CA MET B 24 -24.60 -11.62 -23.73
C MET B 24 -24.11 -10.17 -23.76
N GLU B 25 -25.00 -9.19 -23.59
CA GLU B 25 -24.66 -7.74 -23.61
C GLU B 25 -23.74 -7.39 -22.45
N ILE B 26 -24.14 -7.71 -21.21
CA ILE B 26 -23.37 -7.30 -20.00
C ILE B 26 -22.05 -8.07 -20.00
N HIS B 27 -22.11 -9.36 -20.27
CA HIS B 27 -20.92 -10.23 -20.23
C HIS B 27 -19.86 -9.67 -21.19
N HIS B 28 -20.27 -9.28 -22.41
CA HIS B 28 -19.34 -8.74 -23.43
C HIS B 28 -18.98 -7.28 -23.13
N ASP B 29 -19.98 -6.40 -22.98
CA ASP B 29 -19.76 -4.93 -22.99
C ASP B 29 -19.22 -4.46 -21.64
N LYS B 30 -19.43 -5.23 -20.56
CA LYS B 30 -18.95 -4.84 -19.21
C LYS B 30 -17.81 -5.78 -18.77
N HIS B 31 -18.07 -7.07 -18.60
CA HIS B 31 -17.05 -7.99 -18.01
C HIS B 31 -15.83 -8.07 -18.93
N HIS B 32 -16.02 -8.39 -20.20
CA HIS B 32 -14.87 -8.55 -21.13
C HIS B 32 -14.21 -7.18 -21.30
N ASN B 33 -15.01 -6.14 -21.48
CA ASN B 33 -14.45 -4.78 -21.70
C ASN B 33 -13.53 -4.41 -20.52
N THR B 34 -13.94 -4.71 -19.29
CA THR B 34 -13.15 -4.40 -18.08
C THR B 34 -11.80 -5.13 -18.15
N TYR B 35 -11.79 -6.40 -18.56
CA TYR B 35 -10.53 -7.17 -18.69
C TYR B 35 -9.61 -6.47 -19.70
N VAL B 36 -10.15 -6.00 -20.81
CA VAL B 36 -9.34 -5.31 -21.85
C VAL B 36 -8.75 -4.03 -21.26
N THR B 37 -9.57 -3.22 -20.60
CA THR B 37 -9.12 -1.92 -20.03
C THR B 37 -7.97 -2.21 -19.06
N ARG B 38 -8.14 -3.18 -18.17
CA ARG B 38 -7.16 -3.43 -17.10
C ARG B 38 -5.92 -4.12 -17.66
N LEU B 39 -6.08 -4.98 -18.66
CA LEU B 39 -4.92 -5.60 -19.35
C LEU B 39 -4.08 -4.48 -19.97
N ASN B 40 -4.72 -3.55 -20.68
CA ASN B 40 -4.00 -2.44 -21.35
C ASN B 40 -3.26 -1.61 -20.30
N ALA B 41 -3.89 -1.31 -19.17
CA ALA B 41 -3.25 -0.52 -18.10
C ALA B 41 -2.00 -1.25 -17.58
N ALA B 42 -2.05 -2.58 -17.49
CA ALA B 42 -0.94 -3.39 -16.91
C ALA B 42 0.22 -3.44 -17.90
N VAL B 43 -0.06 -3.54 -19.19
CA VAL B 43 0.99 -3.82 -20.22
C VAL B 43 1.51 -2.50 -20.79
N GLU B 44 0.81 -1.38 -20.57
CA GLU B 44 1.16 -0.06 -21.16
C GLU B 44 2.61 0.25 -20.78
N GLY B 45 3.48 0.51 -21.75
CA GLY B 45 4.85 0.99 -21.46
C GLY B 45 5.79 -0.15 -21.09
N THR B 46 5.37 -1.40 -21.28
CA THR B 46 6.17 -2.64 -21.10
C THR B 46 6.25 -3.30 -22.48
N ASP B 47 7.15 -4.25 -22.68
CA ASP B 47 7.30 -4.85 -24.02
C ASP B 47 6.26 -5.96 -24.18
N LEU B 48 5.38 -6.15 -23.19
CA LEU B 48 4.19 -7.01 -23.36
C LEU B 48 3.25 -6.42 -24.40
N GLU B 49 3.31 -5.10 -24.65
CA GLU B 49 2.21 -4.36 -25.34
C GLU B 49 2.25 -4.64 -26.85
N SER B 50 3.32 -5.25 -27.38
CA SER B 50 3.41 -5.65 -28.81
C SER B 50 3.28 -7.17 -28.97
N LYS B 51 2.94 -7.89 -27.90
CA LYS B 51 2.86 -9.37 -27.94
C LYS B 51 1.40 -9.79 -28.10
N SER B 52 1.16 -10.93 -28.76
CA SER B 52 -0.18 -11.55 -28.84
C SER B 52 -0.63 -11.95 -27.43
N ILE B 53 -1.94 -11.95 -27.17
CA ILE B 53 -2.44 -12.37 -25.84
C ILE B 53 -2.09 -13.85 -25.61
N GLU B 54 -2.06 -14.68 -26.65
CA GLU B 54 -1.69 -16.11 -26.52
C GLU B 54 -0.25 -16.22 -26.04
N GLU B 55 0.66 -15.41 -26.57
CA GLU B 55 2.08 -15.47 -26.13
C GLU B 55 2.17 -15.05 -24.65
N ILE B 56 1.47 -13.99 -24.28
CA ILE B 56 1.49 -13.48 -22.87
C ILE B 56 0.98 -14.59 -21.95
N VAL B 57 -0.19 -15.15 -22.25
CA VAL B 57 -0.85 -16.11 -21.30
C VAL B 57 -0.04 -17.40 -21.25
N ALA B 58 0.51 -17.85 -22.38
CA ALA B 58 1.35 -19.07 -22.42
C ALA B 58 2.57 -18.85 -21.51
N ASN B 59 3.02 -17.60 -21.37
CA ASN B 59 4.33 -17.25 -20.74
C ASN B 59 4.09 -16.32 -19.54
N LEU B 60 3.06 -16.57 -18.72
CA LEU B 60 2.76 -15.69 -17.57
C LEU B 60 3.95 -15.69 -16.60
N ASP B 61 4.69 -16.80 -16.53
CA ASP B 61 5.86 -16.96 -15.61
C ASP B 61 6.97 -15.95 -15.95
N SER B 62 6.98 -15.34 -17.14
CA SER B 62 8.03 -14.36 -17.56
C SER B 62 7.50 -12.93 -17.47
N VAL B 63 6.24 -12.76 -17.03
CA VAL B 63 5.64 -11.41 -16.86
C VAL B 63 6.25 -10.81 -15.60
N PRO B 64 6.69 -9.54 -15.66
CA PRO B 64 7.29 -8.89 -14.50
C PRO B 64 6.44 -9.05 -13.25
N GLU B 65 7.09 -9.32 -12.11
CA GLU B 65 6.45 -9.76 -10.85
C GLU B 65 5.30 -8.81 -10.47
N ASN B 66 5.53 -7.49 -10.50
CA ASN B 66 4.58 -6.51 -9.91
C ASN B 66 3.30 -6.43 -10.75
N ILE B 67 3.30 -6.93 -11.99
CA ILE B 67 2.09 -6.86 -12.86
C ILE B 67 1.59 -8.27 -13.18
N GLN B 68 2.23 -9.32 -12.65
CA GLN B 68 1.93 -10.71 -13.08
C GLN B 68 0.48 -11.04 -12.73
N THR B 69 0.01 -10.69 -11.54
CA THR B 69 -1.38 -11.02 -11.12
C THR B 69 -2.37 -10.27 -12.04
N ALA B 70 -2.14 -8.98 -12.29
CA ALA B 70 -3.02 -8.16 -13.14
C ALA B 70 -3.05 -8.77 -14.54
N VAL B 71 -1.92 -9.26 -15.05
CA VAL B 71 -1.86 -9.80 -16.43
C VAL B 71 -2.49 -11.20 -16.43
N ARG B 72 -2.21 -12.04 -15.43
CA ARG B 72 -2.85 -13.38 -15.28
CA ARG B 72 -2.85 -13.38 -15.30
C ARG B 72 -4.38 -13.19 -15.34
N ASN B 73 -4.90 -12.30 -14.51
CA ASN B 73 -6.36 -12.19 -14.31
C ASN B 73 -7.00 -11.52 -15.53
N ASN B 74 -6.45 -10.39 -15.97
CA ASN B 74 -7.10 -9.58 -17.03
C ASN B 74 -6.68 -10.10 -18.40
N GLY B 75 -5.43 -10.53 -18.57
CA GLY B 75 -4.98 -11.19 -19.80
C GLY B 75 -5.73 -12.49 -20.00
N GLY B 76 -5.81 -13.32 -18.95
CA GLY B 76 -6.66 -14.52 -18.96
C GLY B 76 -8.09 -14.16 -19.31
N GLY B 77 -8.65 -13.14 -18.68
CA GLY B 77 -10.05 -12.76 -18.96
C GLY B 77 -10.21 -12.45 -20.43
N HIS B 78 -9.29 -11.69 -21.00
CA HIS B 78 -9.36 -11.26 -22.42
C HIS B 78 -9.27 -12.49 -23.34
N LEU B 79 -8.30 -13.37 -23.13
CA LEU B 79 -8.13 -14.57 -23.98
C LEU B 79 -9.37 -15.46 -23.83
N ASN B 80 -9.80 -15.69 -22.60
CA ASN B 80 -10.86 -16.70 -22.34
C ASN B 80 -12.16 -16.23 -23.00
N HIS B 81 -12.52 -14.95 -22.84
CA HIS B 81 -13.79 -14.44 -23.42
C HIS B 81 -13.65 -14.34 -24.94
N SER B 82 -12.48 -13.97 -25.45
CA SER B 82 -12.25 -13.92 -26.92
C SER B 82 -12.50 -15.31 -27.50
N LEU B 83 -11.98 -16.36 -26.88
CA LEU B 83 -12.22 -17.77 -27.31
C LEU B 83 -13.72 -18.08 -27.20
N PHE B 84 -14.32 -17.75 -26.06
CA PHE B 84 -15.72 -18.13 -25.75
C PHE B 84 -16.65 -17.58 -26.83
N TRP B 85 -16.55 -16.30 -27.20
CA TRP B 85 -17.53 -15.73 -28.17
C TRP B 85 -17.43 -16.52 -29.48
N GLU B 86 -16.22 -16.88 -29.89
CA GLU B 86 -15.99 -17.54 -31.20
C GLU B 86 -16.45 -18.99 -31.11
N LEU B 87 -16.50 -19.55 -29.91
CA LEU B 87 -16.86 -20.98 -29.70
C LEU B 87 -18.38 -21.15 -29.56
N LEU B 88 -19.15 -20.07 -29.74
CA LEU B 88 -20.64 -20.13 -29.69
C LEU B 88 -21.20 -19.81 -31.07
N THR B 89 -22.39 -20.33 -31.36
CA THR B 89 -23.08 -20.10 -32.64
C THR B 89 -24.57 -20.37 -32.49
N PRO B 90 -25.41 -19.61 -33.23
CA PRO B 90 -26.83 -19.96 -33.36
C PRO B 90 -27.06 -21.15 -34.30
N ASN B 91 -26.01 -21.69 -34.92
CA ASN B 91 -26.09 -22.76 -35.94
C ASN B 91 -25.14 -23.91 -35.57
N SER B 92 -25.30 -24.49 -34.38
CA SER B 92 -24.44 -25.58 -33.85
C SER B 92 -24.77 -26.92 -34.52
N GLU B 93 -23.77 -27.61 -35.03
CA GLU B 93 -23.92 -28.98 -35.60
C GLU B 93 -22.88 -29.89 -34.97
N GLU B 94 -23.32 -30.93 -34.27
CA GLU B 94 -22.46 -31.93 -33.59
C GLU B 94 -21.85 -32.87 -34.62
N LYS B 95 -20.88 -32.36 -35.38
CA LYS B 95 -20.15 -33.13 -36.40
C LYS B 95 -18.77 -32.52 -36.57
N GLY B 96 -17.87 -33.29 -37.17
CA GLY B 96 -16.58 -32.78 -37.65
C GLY B 96 -15.43 -33.55 -37.04
N THR B 97 -14.20 -33.06 -37.18
CA THR B 97 -13.00 -33.87 -36.85
C THR B 97 -12.95 -34.11 -35.33
N VAL B 98 -13.23 -33.09 -34.53
CA VAL B 98 -13.10 -33.26 -33.05
C VAL B 98 -14.27 -34.11 -32.53
N VAL B 99 -15.48 -33.91 -33.04
CA VAL B 99 -16.62 -34.79 -32.65
C VAL B 99 -16.22 -36.25 -32.95
N ASP B 100 -15.62 -36.52 -34.10
CA ASP B 100 -15.20 -37.90 -34.48
C ASP B 100 -14.13 -38.40 -33.51
N LYS B 101 -13.14 -37.57 -33.17
CA LYS B 101 -12.06 -37.94 -32.21
C LYS B 101 -12.68 -38.22 -30.84
N ILE B 102 -13.66 -37.41 -30.43
CA ILE B 102 -14.35 -37.58 -29.12
C ILE B 102 -15.07 -38.92 -29.09
N LYS B 103 -15.80 -39.25 -30.17
CA LYS B 103 -16.58 -40.52 -30.24
C LYS B 103 -15.59 -41.69 -30.10
N GLU B 104 -14.43 -41.58 -30.74
CA GLU B 104 -13.39 -42.65 -30.70
C GLU B 104 -12.93 -42.80 -29.25
N GLN B 105 -12.65 -41.70 -28.56
CA GLN B 105 -11.97 -41.71 -27.24
C GLN B 105 -12.96 -42.01 -26.11
N TRP B 106 -14.13 -41.36 -26.11
CA TRP B 106 -15.14 -41.49 -25.02
C TRP B 106 -16.18 -42.55 -25.39
N GLY B 107 -16.19 -42.98 -26.66
CA GLY B 107 -17.14 -43.99 -27.18
C GLY B 107 -18.37 -43.35 -27.79
N SER B 108 -18.75 -42.17 -27.31
CA SER B 108 -19.84 -41.35 -27.88
C SER B 108 -19.64 -39.88 -27.51
N LEU B 109 -20.21 -38.97 -28.29
CA LEU B 109 -20.25 -37.54 -27.92
C LEU B 109 -21.01 -37.40 -26.61
N ASP B 110 -22.06 -38.17 -26.40
CA ASP B 110 -22.90 -38.03 -25.18
C ASP B 110 -22.07 -38.35 -23.94
N ALA B 111 -21.23 -39.39 -23.97
CA ALA B 111 -20.39 -39.79 -22.83
C ALA B 111 -19.41 -38.66 -22.52
N PHE B 112 -18.86 -38.03 -23.56
CA PHE B 112 -17.97 -36.86 -23.43
C PHE B 112 -18.74 -35.71 -22.76
N LYS B 113 -19.97 -35.44 -23.21
CA LYS B 113 -20.77 -34.32 -22.66
C LYS B 113 -21.00 -34.57 -21.16
N GLU B 114 -21.25 -35.84 -20.79
CA GLU B 114 -21.50 -36.22 -19.38
C GLU B 114 -20.24 -35.92 -18.55
N GLU B 115 -19.05 -36.31 -19.02
CA GLU B 115 -17.81 -36.08 -18.23
C GLU B 115 -17.54 -34.57 -18.17
N PHE B 116 -17.71 -33.86 -19.28
CA PHE B 116 -17.46 -32.39 -19.35
C PHE B 116 -18.41 -31.70 -18.37
N ALA B 117 -19.68 -32.07 -18.39
CA ALA B 117 -20.72 -31.48 -17.50
C ALA B 117 -20.36 -31.76 -16.04
N ASN B 118 -19.86 -32.96 -15.75
CA ASN B 118 -19.53 -33.35 -14.35
C ASN B 118 -18.38 -32.45 -13.89
N GLN B 119 -17.33 -32.31 -14.70
CA GLN B 119 -16.15 -31.51 -14.30
C GLN B 119 -16.56 -30.03 -14.21
N ALA B 120 -17.37 -29.54 -15.15
CA ALA B 120 -17.80 -28.13 -15.18
C ALA B 120 -18.62 -27.83 -13.92
N GLU B 121 -19.48 -28.75 -13.51
CA GLU B 121 -20.33 -28.55 -12.31
C GLU B 121 -19.47 -28.59 -11.05
N ALA B 122 -18.41 -29.42 -11.03
CA ALA B 122 -17.59 -29.65 -9.82
C ALA B 122 -16.58 -28.53 -9.62
N ARG B 123 -16.36 -27.66 -10.61
CA ARG B 123 -15.43 -26.52 -10.48
C ARG B 123 -16.01 -25.56 -9.44
N PHE B 124 -15.41 -25.53 -8.25
CA PHE B 124 -15.92 -24.79 -7.08
C PHE B 124 -15.45 -23.33 -7.16
N GLY B 125 -16.39 -22.40 -7.01
CA GLY B 125 -16.12 -20.97 -7.20
C GLY B 125 -16.16 -20.58 -8.67
N SER B 126 -15.35 -19.61 -9.05
CA SER B 126 -15.30 -19.05 -10.43
C SER B 126 -14.31 -19.85 -11.27
N GLY B 127 -14.60 -20.04 -12.55
CA GLY B 127 -13.61 -20.62 -13.47
C GLY B 127 -14.22 -21.08 -14.77
N TRP B 128 -13.52 -22.00 -15.42
CA TRP B 128 -13.76 -22.42 -16.81
C TRP B 128 -13.63 -23.94 -16.90
N ALA B 129 -14.43 -24.56 -17.74
CA ALA B 129 -14.25 -25.97 -18.13
C ALA B 129 -13.73 -26.00 -19.56
N TRP B 130 -12.81 -26.91 -19.86
CA TRP B 130 -12.09 -26.92 -21.15
C TRP B 130 -12.00 -28.34 -21.72
N LEU B 131 -12.09 -28.43 -23.03
CA LEU B 131 -11.46 -29.53 -23.80
C LEU B 131 -10.13 -28.99 -24.33
N VAL B 132 -9.04 -29.72 -24.07
CA VAL B 132 -7.68 -29.29 -24.50
C VAL B 132 -7.06 -30.40 -25.31
N VAL B 133 -6.12 -30.02 -26.17
CA VAL B 133 -5.22 -30.97 -26.89
C VAL B 133 -3.84 -30.85 -26.24
N ASN B 134 -3.41 -31.90 -25.54
CA ASN B 134 -2.02 -32.00 -25.00
C ASN B 134 -1.21 -32.93 -25.91
N ASP B 135 -0.29 -32.35 -26.69
CA ASP B 135 0.64 -33.05 -27.62
C ASP B 135 -0.16 -34.13 -28.36
N GLY B 136 -1.26 -33.72 -28.98
CA GLY B 136 -2.10 -34.54 -29.88
C GLY B 136 -3.23 -35.27 -29.17
N LYS B 137 -3.26 -35.28 -27.83
CA LYS B 137 -4.26 -36.06 -27.03
C LYS B 137 -5.35 -35.14 -26.48
N LEU B 138 -6.60 -35.63 -26.40
CA LEU B 138 -7.74 -34.85 -25.86
C LEU B 138 -7.91 -35.09 -24.37
N GLU B 139 -8.18 -34.02 -23.63
CA GLU B 139 -8.36 -34.10 -22.16
C GLU B 139 -9.38 -33.03 -21.75
N ILE B 140 -10.24 -33.37 -20.81
CA ILE B 140 -11.12 -32.37 -20.13
C ILE B 140 -10.40 -31.89 -18.88
N VAL B 141 -10.31 -30.57 -18.71
CA VAL B 141 -9.72 -29.95 -17.49
C VAL B 141 -10.60 -28.77 -17.10
N THR B 142 -10.49 -28.33 -15.86
CA THR B 142 -11.08 -27.04 -15.44
C THR B 142 -9.98 -26.17 -14.86
N THR B 143 -10.21 -24.87 -14.87
CA THR B 143 -9.28 -23.88 -14.29
C THR B 143 -10.06 -22.93 -13.40
N PRO B 144 -9.38 -22.39 -12.37
CA PRO B 144 -9.97 -21.36 -11.53
C PRO B 144 -9.89 -19.97 -12.16
N ASN B 145 -10.87 -19.12 -11.84
CA ASN B 145 -10.82 -17.68 -12.12
C ASN B 145 -10.62 -17.49 -13.63
N GLN B 146 -9.58 -16.78 -14.07
CA GLN B 146 -9.32 -16.61 -15.53
C GLN B 146 -8.06 -17.37 -15.94
N ASP B 147 -7.65 -18.38 -15.18
CA ASP B 147 -6.49 -19.21 -15.59
C ASP B 147 -6.87 -19.93 -16.89
N ASN B 148 -5.89 -20.16 -17.76
CA ASN B 148 -6.11 -20.76 -19.10
C ASN B 148 -5.14 -21.92 -19.24
N PRO B 149 -5.55 -23.08 -19.79
CA PRO B 149 -4.65 -24.20 -19.96
C PRO B 149 -3.39 -23.92 -20.80
N LEU B 150 -3.38 -22.87 -21.63
CA LEU B 150 -2.20 -22.52 -22.47
C LEU B 150 -1.00 -22.37 -21.54
N THR B 151 -1.22 -21.83 -20.35
CA THR B 151 -0.14 -21.53 -19.37
C THR B 151 0.51 -22.85 -18.96
N GLU B 152 -0.23 -23.95 -19.01
CA GLU B 152 0.25 -25.31 -18.63
C GLU B 152 0.64 -26.10 -19.87
N GLY B 153 0.73 -25.43 -21.03
CA GLY B 153 1.19 -26.02 -22.30
C GLY B 153 0.15 -26.97 -22.90
N LYS B 154 -1.11 -26.79 -22.52
CA LYS B 154 -2.26 -27.52 -23.14
C LYS B 154 -3.05 -26.51 -23.99
N THR B 155 -3.40 -26.88 -25.23
CA THR B 155 -4.08 -25.94 -26.15
C THR B 155 -5.59 -26.09 -25.98
N PRO B 156 -6.30 -25.02 -25.58
CA PRO B 156 -7.75 -25.09 -25.44
C PRO B 156 -8.42 -25.10 -26.83
N ILE B 157 -9.40 -25.98 -27.02
CA ILE B 157 -10.18 -26.05 -28.29
C ILE B 157 -11.68 -25.89 -28.00
N LEU B 158 -12.10 -26.04 -26.75
CA LEU B 158 -13.49 -25.70 -26.31
C LEU B 158 -13.43 -25.22 -24.87
N GLY B 159 -14.20 -24.20 -24.55
CA GLY B 159 -14.26 -23.63 -23.20
C GLY B 159 -15.67 -23.24 -22.86
N LEU B 160 -16.03 -23.42 -21.59
CA LEU B 160 -17.32 -22.96 -21.05
C LEU B 160 -17.03 -22.12 -19.81
N ASP B 161 -17.53 -20.89 -19.82
CA ASP B 161 -17.41 -19.96 -18.67
C ASP B 161 -18.39 -20.42 -17.58
N VAL B 162 -17.90 -20.81 -16.40
CA VAL B 162 -18.80 -21.17 -15.28
C VAL B 162 -18.68 -20.17 -14.13
N TRP B 163 -18.14 -18.97 -14.38
CA TRP B 163 -18.41 -17.82 -13.48
C TRP B 163 -19.91 -17.61 -13.38
N GLU B 164 -20.41 -17.31 -12.20
CA GLU B 164 -21.87 -17.11 -12.01
C GLU B 164 -22.39 -16.00 -12.93
N HIS B 165 -21.60 -14.97 -13.27
CA HIS B 165 -22.10 -13.90 -14.17
C HIS B 165 -22.53 -14.47 -15.53
N ALA B 166 -21.98 -15.62 -15.92
CA ALA B 166 -22.22 -16.23 -17.25
C ALA B 166 -23.61 -16.87 -17.29
N TYR B 167 -24.24 -17.15 -16.14
CA TYR B 167 -25.47 -17.96 -16.13
C TYR B 167 -26.50 -17.50 -15.10
N TYR B 168 -26.18 -16.56 -14.20
CA TYR B 168 -27.05 -16.35 -13.02
C TYR B 168 -28.38 -15.69 -13.43
N LEU B 169 -28.38 -14.78 -14.40
CA LEU B 169 -29.63 -14.04 -14.72
C LEU B 169 -30.69 -15.03 -15.22
N LYS B 170 -30.31 -16.01 -16.04
CA LYS B 170 -31.31 -16.96 -16.61
C LYS B 170 -31.47 -18.20 -15.73
N TYR B 171 -30.40 -18.72 -15.13
CA TYR B 171 -30.38 -20.07 -14.52
C TYR B 171 -30.21 -20.01 -12.99
N GLN B 172 -29.86 -18.86 -12.44
CA GLN B 172 -29.54 -18.70 -11.00
C GLN B 172 -28.64 -19.87 -10.57
N ASN B 173 -28.98 -20.61 -9.52
CA ASN B 173 -28.11 -21.66 -8.92
C ASN B 173 -27.95 -22.86 -9.85
N LYS B 174 -28.74 -22.96 -10.93
CA LYS B 174 -28.88 -24.21 -11.72
C LYS B 174 -27.78 -24.30 -12.78
N ARG B 175 -26.52 -24.32 -12.37
CA ARG B 175 -25.38 -24.42 -13.31
C ARG B 175 -25.54 -25.63 -14.23
N PRO B 176 -25.99 -26.82 -13.75
CA PRO B 176 -26.17 -27.95 -14.65
C PRO B 176 -27.13 -27.65 -15.82
N ASP B 177 -28.16 -26.84 -15.61
CA ASP B 177 -29.12 -26.51 -16.70
C ASP B 177 -28.42 -25.60 -17.72
N TYR B 178 -27.58 -24.68 -17.27
CA TYR B 178 -26.76 -23.82 -18.15
C TYR B 178 -25.82 -24.69 -18.98
N ILE B 179 -25.13 -25.61 -18.33
CA ILE B 179 -24.17 -26.51 -19.04
C ILE B 179 -24.94 -27.30 -20.10
N SER B 180 -26.12 -27.82 -19.75
CA SER B 180 -26.96 -28.57 -20.72
C SER B 180 -27.32 -27.65 -21.89
N ALA B 181 -27.70 -26.41 -21.61
CA ALA B 181 -28.12 -25.45 -22.66
C ALA B 181 -26.95 -25.20 -23.61
N PHE B 182 -25.73 -25.13 -23.08
CA PHE B 182 -24.51 -24.77 -23.84
C PHE B 182 -24.34 -25.69 -25.06
N TRP B 183 -24.62 -26.98 -24.93
CA TRP B 183 -24.43 -27.93 -26.06
C TRP B 183 -25.17 -27.41 -27.30
N ASN B 184 -26.30 -26.74 -27.10
CA ASN B 184 -27.14 -26.28 -28.25
C ASN B 184 -26.44 -25.20 -29.06
N VAL B 185 -25.40 -24.56 -28.52
CA VAL B 185 -24.78 -23.38 -29.18
C VAL B 185 -23.26 -23.55 -29.34
N VAL B 186 -22.73 -24.76 -29.19
CA VAL B 186 -21.28 -25.00 -29.40
C VAL B 186 -20.95 -24.86 -30.88
N ASN B 187 -19.95 -24.03 -31.18
CA ASN B 187 -19.42 -23.87 -32.56
C ASN B 187 -18.35 -24.94 -32.80
N TRP B 188 -18.76 -26.12 -33.23
CA TRP B 188 -17.84 -27.25 -33.47
C TRP B 188 -16.92 -26.95 -34.66
N GLU B 189 -17.30 -26.02 -35.54
CA GLU B 189 -16.39 -25.59 -36.65
C GLU B 189 -15.18 -24.88 -36.02
N LYS B 190 -15.40 -24.03 -35.02
CA LYS B 190 -14.30 -23.31 -34.34
C LYS B 190 -13.49 -24.31 -33.53
N VAL B 191 -14.12 -25.27 -32.87
CA VAL B 191 -13.39 -26.34 -32.12
C VAL B 191 -12.44 -27.04 -33.09
N ASP B 192 -12.94 -27.42 -34.27
CA ASP B 192 -12.13 -28.09 -35.32
C ASP B 192 -10.97 -27.17 -35.71
N GLU B 193 -11.24 -25.89 -35.92
CA GLU B 193 -10.20 -24.91 -36.37
C GLU B 193 -9.09 -24.89 -35.32
N LEU B 194 -9.44 -24.79 -34.03
CA LEU B 194 -8.44 -24.67 -32.92
C LEU B 194 -7.65 -25.97 -32.83
N TYR B 195 -8.32 -27.11 -32.99
CA TYR B 195 -7.69 -28.45 -32.93
C TYR B 195 -6.71 -28.59 -34.09
N ASN B 196 -7.15 -28.25 -35.30
CA ASN B 196 -6.33 -28.45 -36.52
C ASN B 196 -5.07 -27.59 -36.40
N ALA B 197 -5.20 -26.37 -35.86
CA ALA B 197 -4.07 -25.42 -35.70
C ALA B 197 -3.03 -26.00 -34.74
N ALA B 198 -3.46 -26.79 -33.74
CA ALA B 198 -2.58 -27.23 -32.64
C ALA B 198 -2.12 -28.67 -32.83
N LYS B 199 -2.78 -29.47 -33.69
CA LYS B 199 -2.36 -30.87 -33.89
C LYS B 199 -1.02 -30.89 -34.63
N HIS B 200 -0.69 -29.81 -35.35
CA HIS B 200 0.56 -29.72 -36.17
C HIS B 200 1.44 -28.55 -35.72
N HIS B 201 1.38 -28.21 -34.43
CA HIS B 201 2.14 -27.07 -33.82
C HIS B 201 2.83 -27.54 -32.53
N ALA C 2 43.95 7.52 7.43
CA ALA C 2 42.72 8.34 7.71
C ALA C 2 41.81 8.33 6.49
N PHE C 3 40.51 8.59 6.70
CA PHE C 3 39.54 8.77 5.60
C PHE C 3 39.77 10.11 4.92
N GLU C 4 39.49 10.14 3.63
CA GLU C 4 39.73 11.35 2.80
C GLU C 4 38.45 11.68 2.03
N LEU C 5 38.27 12.96 1.75
CA LEU C 5 37.18 13.48 0.90
C LEU C 5 37.52 13.16 -0.56
N PRO C 6 36.73 12.29 -1.23
CA PRO C 6 37.02 11.94 -2.62
C PRO C 6 36.65 13.14 -3.48
N ASN C 7 37.43 13.41 -4.52
CA ASN C 7 37.08 14.43 -5.54
C ASN C 7 35.78 14.00 -6.23
N LEU C 8 34.95 14.96 -6.65
CA LEU C 8 33.86 14.67 -7.61
C LEU C 8 34.49 14.13 -8.89
N PRO C 9 33.79 13.24 -9.61
CA PRO C 9 34.24 12.80 -10.94
C PRO C 9 33.87 13.73 -12.10
N TYR C 10 33.41 14.95 -11.80
CA TYR C 10 33.00 15.99 -12.79
C TYR C 10 33.16 17.35 -12.10
N GLY C 11 33.10 18.42 -12.87
CA GLY C 11 33.11 19.80 -12.34
C GLY C 11 31.82 20.10 -11.60
N PHE C 12 31.81 21.18 -10.83
CA PHE C 12 30.70 21.54 -9.93
C PHE C 12 29.43 21.83 -10.75
N ARG C 13 29.54 22.29 -11.99
CA ARG C 13 28.33 22.71 -12.77
C ARG C 13 27.92 21.61 -13.76
N ALA C 14 28.49 20.41 -13.66
CA ALA C 14 28.35 19.37 -14.69
C ALA C 14 26.94 18.76 -14.68
N LEU C 15 26.17 18.96 -13.60
CA LEU C 15 24.84 18.32 -13.47
C LEU C 15 23.75 19.36 -13.70
N GLU C 16 24.09 20.59 -14.08
CA GLU C 16 23.10 21.64 -14.42
C GLU C 16 22.42 21.23 -15.72
N PRO C 17 21.13 21.56 -15.92
CA PRO C 17 20.32 22.32 -14.96
C PRO C 17 19.51 21.53 -13.93
N HIS C 18 19.94 20.31 -13.61
CA HIS C 18 19.23 19.37 -12.70
C HIS C 18 19.65 19.62 -11.25
N ILE C 19 20.94 19.77 -11.01
CA ILE C 19 21.48 20.16 -9.68
C ILE C 19 22.47 21.30 -9.91
N ASP C 20 22.32 22.37 -9.15
CA ASP C 20 23.06 23.65 -9.33
C ASP C 20 24.50 23.54 -8.83
N GLN C 21 25.41 24.29 -9.45
CA GLN C 21 26.84 24.26 -9.08
C GLN C 21 27.05 24.71 -7.63
N GLN C 22 26.32 25.71 -7.13
CA GLN C 22 26.55 26.21 -5.75
C GLN C 22 26.32 25.04 -4.79
N THR C 23 25.25 24.28 -4.98
CA THR C 23 24.94 23.11 -4.13
C THR C 23 26.05 22.06 -4.25
N MET C 24 26.47 21.72 -5.47
CA MET C 24 27.48 20.66 -5.64
C MET C 24 28.74 21.07 -4.85
N GLU C 25 29.14 22.34 -4.92
CA GLU C 25 30.35 22.83 -4.22
C GLU C 25 30.16 22.74 -2.69
N ILE C 26 29.09 23.30 -2.15
CA ILE C 26 28.90 23.34 -0.67
C ILE C 26 28.64 21.92 -0.18
N HIS C 27 27.81 21.17 -0.90
CA HIS C 27 27.43 19.80 -0.50
C HIS C 27 28.70 18.95 -0.38
N HIS C 28 29.59 19.07 -1.35
CA HIS C 28 30.86 18.29 -1.38
C HIS C 28 31.89 18.90 -0.42
N ASP C 29 32.18 20.19 -0.57
CA ASP C 29 33.38 20.82 0.06
C ASP C 29 33.10 21.12 1.53
N LYS C 30 31.83 21.23 1.94
CA LYS C 30 31.47 21.56 3.34
C LYS C 30 30.80 20.36 4.01
N HIS C 31 29.64 19.91 3.52
CA HIS C 31 28.85 18.86 4.22
C HIS C 31 29.63 17.55 4.25
N HIS C 32 30.07 17.05 3.09
CA HIS C 32 30.82 15.77 3.04
C HIS C 32 32.15 15.97 3.80
N ASN C 33 32.85 17.07 3.54
CA ASN C 33 34.16 17.34 4.21
C ASN C 33 33.98 17.24 5.73
N THR C 34 32.91 17.82 6.28
CA THR C 34 32.62 17.82 7.73
C THR C 34 32.45 16.37 8.23
N TYR C 35 31.75 15.53 7.49
CA TYR C 35 31.59 14.10 7.86
C TYR C 35 32.96 13.42 7.94
N VAL C 36 33.83 13.70 6.98
CA VAL C 36 35.18 13.07 6.94
C VAL C 36 35.97 13.52 8.18
N THR C 37 36.02 14.82 8.45
CA THR C 37 36.75 15.39 9.61
C THR C 37 36.27 14.70 10.89
N ARG C 38 34.95 14.65 11.09
CA ARG C 38 34.35 14.14 12.35
C ARG C 38 34.48 12.61 12.43
N LEU C 39 34.41 11.91 11.30
CA LEU C 39 34.63 10.44 11.28
C LEU C 39 36.07 10.17 11.74
N ASN C 40 37.03 10.90 11.19
CA ASN C 40 38.48 10.74 11.52
C ASN C 40 38.66 10.98 13.02
N ALA C 41 38.07 12.03 13.57
CA ALA C 41 38.16 12.36 15.01
C ALA C 41 37.57 11.20 15.83
N ALA C 42 36.43 10.66 15.39
CA ALA C 42 35.67 9.60 16.10
C ALA C 42 36.47 8.29 16.13
N VAL C 43 37.18 7.94 15.05
CA VAL C 43 37.83 6.60 14.94
C VAL C 43 39.29 6.66 15.42
N GLU C 44 39.80 7.86 15.71
CA GLU C 44 41.22 8.06 16.12
C GLU C 44 41.54 7.07 17.24
N GLY C 45 42.61 6.29 17.07
CA GLY C 45 43.14 5.37 18.10
C GLY C 45 42.28 4.13 18.28
N THR C 46 41.33 3.87 17.38
CA THR C 46 40.48 2.64 17.37
C THR C 46 40.82 1.80 16.14
N ASP C 47 40.37 0.53 16.12
CA ASP C 47 40.63 -0.38 14.99
C ASP C 47 39.73 -0.03 13.80
N LEU C 48 38.84 0.97 13.92
CA LEU C 48 37.99 1.38 12.78
C LEU C 48 38.86 2.15 11.77
N GLU C 49 39.99 2.67 12.23
CA GLU C 49 40.94 3.45 11.39
C GLU C 49 41.41 2.55 10.25
N SER C 50 41.41 1.23 10.47
CA SER C 50 42.00 0.21 9.57
C SER C 50 40.90 -0.53 8.79
N LYS C 51 39.63 -0.13 8.95
CA LYS C 51 38.49 -0.76 8.23
C LYS C 51 38.04 0.12 7.07
N SER C 52 37.50 -0.49 6.02
CA SER C 52 36.78 0.22 4.94
C SER C 52 35.55 0.89 5.53
N ILE C 53 35.13 2.02 4.96
CA ILE C 53 33.91 2.71 5.43
C ILE C 53 32.72 1.74 5.30
N GLU C 54 32.71 0.87 4.29
CA GLU C 54 31.61 -0.12 4.11
C GLU C 54 31.58 -1.08 5.31
N GLU C 55 32.74 -1.61 5.74
CA GLU C 55 32.75 -2.54 6.89
C GLU C 55 32.38 -1.80 8.17
N ILE C 56 32.80 -0.55 8.34
CA ILE C 56 32.40 0.26 9.54
C ILE C 56 30.86 0.31 9.57
N VAL C 57 30.24 0.71 8.47
CA VAL C 57 28.80 1.07 8.45
C VAL C 57 28.00 -0.24 8.53
N ALA C 58 28.44 -1.29 7.86
CA ALA C 58 27.75 -2.61 7.92
C ALA C 58 27.71 -3.07 9.38
N ASN C 59 28.72 -2.72 10.16
CA ASN C 59 28.99 -3.31 11.50
C ASN C 59 28.76 -2.28 12.61
N LEU C 60 27.92 -1.25 12.38
CA LEU C 60 27.70 -0.16 13.36
C LEU C 60 27.26 -0.72 14.71
N ASP C 61 26.45 -1.77 14.72
CA ASP C 61 25.75 -2.23 15.94
C ASP C 61 26.78 -2.70 16.97
N SER C 62 28.00 -3.03 16.54
CA SER C 62 29.07 -3.54 17.43
C SER C 62 30.14 -2.47 17.73
N VAL C 63 30.00 -1.26 17.17
CA VAL C 63 30.84 -0.09 17.56
C VAL C 63 30.57 0.26 19.02
N PRO C 64 31.59 0.47 19.87
CA PRO C 64 31.33 0.79 21.27
C PRO C 64 30.40 1.99 21.45
N GLU C 65 29.53 1.92 22.46
CA GLU C 65 28.46 2.91 22.76
C GLU C 65 29.05 4.32 22.83
N ASN C 66 30.28 4.46 23.34
CA ASN C 66 30.99 5.75 23.55
C ASN C 66 31.06 6.55 22.24
N ILE C 67 31.19 5.89 21.08
CA ILE C 67 31.46 6.58 19.78
C ILE C 67 30.44 6.17 18.72
N GLN C 68 29.52 5.26 19.05
CA GLN C 68 28.63 4.62 18.03
C GLN C 68 27.81 5.70 17.32
N THR C 69 27.26 6.69 18.03
CA THR C 69 26.43 7.74 17.38
C THR C 69 27.29 8.55 16.41
N ALA C 70 28.49 8.99 16.83
CA ALA C 70 29.40 9.77 15.98
C ALA C 70 29.78 8.94 14.75
N VAL C 71 30.02 7.63 14.94
CA VAL C 71 30.41 6.75 13.80
C VAL C 71 29.20 6.56 12.89
N ARG C 72 28.01 6.28 13.45
CA ARG C 72 26.76 6.12 12.65
CA ARG C 72 26.74 6.13 12.67
C ARG C 72 26.54 7.37 11.79
N ASN C 73 26.62 8.55 12.38
CA ASN C 73 26.22 9.81 11.70
C ASN C 73 27.31 10.19 10.69
N ASN C 74 28.58 10.15 11.08
CA ASN C 74 29.67 10.69 10.24
C ASN C 74 30.18 9.60 9.30
N GLY C 75 30.24 8.36 9.77
CA GLY C 75 30.53 7.20 8.92
C GLY C 75 29.46 7.06 7.86
N GLY C 76 28.20 7.05 8.27
CA GLY C 76 27.07 7.05 7.30
C GLY C 76 27.22 8.22 6.34
N GLY C 77 27.44 9.42 6.86
CA GLY C 77 27.59 10.60 6.00
C GLY C 77 28.67 10.40 4.96
N HIS C 78 29.82 9.86 5.36
CA HIS C 78 30.97 9.64 4.44
C HIS C 78 30.59 8.59 3.38
N LEU C 79 30.03 7.47 3.80
CA LEU C 79 29.65 6.39 2.84
C LEU C 79 28.58 6.93 1.88
N ASN C 80 27.53 7.53 2.42
CA ASN C 80 26.34 7.92 1.61
C ASN C 80 26.77 8.91 0.55
N HIS C 81 27.57 9.91 0.92
CA HIS C 81 27.99 10.97 -0.04
C HIS C 81 29.00 10.40 -1.03
N SER C 82 29.87 9.50 -0.57
CA SER C 82 30.85 8.82 -1.45
C SER C 82 30.11 8.08 -2.56
N LEU C 83 29.05 7.34 -2.21
CA LEU C 83 28.19 6.64 -3.19
C LEU C 83 27.52 7.68 -4.09
N PHE C 84 26.93 8.70 -3.49
CA PHE C 84 26.11 9.69 -4.22
C PHE C 84 26.90 10.32 -5.37
N TRP C 85 28.13 10.80 -5.13
CA TRP C 85 28.85 11.56 -6.20
C TRP C 85 29.07 10.64 -7.39
N GLU C 86 29.36 9.37 -7.15
CA GLU C 86 29.70 8.40 -8.23
C GLU C 86 28.41 7.93 -8.91
N LEU C 87 27.27 8.04 -8.22
CA LEU C 87 25.95 7.62 -8.77
C LEU C 87 25.33 8.73 -9.61
N LEU C 88 26.00 9.88 -9.73
CA LEU C 88 25.54 11.01 -10.59
C LEU C 88 26.47 11.10 -11.80
N THR C 89 25.93 11.56 -12.93
CA THR C 89 26.73 11.77 -14.17
C THR C 89 26.08 12.85 -15.02
N PRO C 90 26.87 13.66 -15.75
CA PRO C 90 26.32 14.55 -16.76
C PRO C 90 25.67 13.84 -17.96
N ASN C 91 25.98 12.56 -18.17
CA ASN C 91 25.53 11.79 -19.36
C ASN C 91 24.90 10.46 -18.92
N SER C 92 23.71 10.57 -18.33
CA SER C 92 22.90 9.42 -17.87
C SER C 92 22.36 8.66 -19.08
N GLU C 93 22.49 7.33 -19.07
CA GLU C 93 21.87 6.45 -20.09
C GLU C 93 21.05 5.38 -19.36
N GLU C 94 19.73 5.40 -19.57
CA GLU C 94 18.75 4.53 -18.88
C GLU C 94 18.76 3.16 -19.54
N LYS C 95 19.83 2.42 -19.26
CA LYS C 95 20.04 1.07 -19.83
C LYS C 95 21.01 0.33 -18.94
N GLY C 96 21.06 -0.98 -19.12
CA GLY C 96 22.09 -1.84 -18.52
C GLY C 96 21.46 -2.88 -17.61
N THR C 97 22.28 -3.49 -16.78
CA THR C 97 21.97 -4.73 -16.02
C THR C 97 20.81 -4.43 -15.06
N VAL C 98 20.93 -3.36 -14.29
CA VAL C 98 19.92 -3.06 -13.24
C VAL C 98 18.64 -2.49 -13.89
N VAL C 99 18.75 -1.65 -14.92
CA VAL C 99 17.53 -1.18 -15.64
C VAL C 99 16.77 -2.42 -16.13
N ASP C 100 17.46 -3.41 -16.68
CA ASP C 100 16.80 -4.64 -17.19
C ASP C 100 16.15 -5.38 -16.03
N LYS C 101 16.84 -5.49 -14.89
CA LYS C 101 16.32 -6.18 -13.69
C LYS C 101 15.12 -5.42 -13.13
N ILE C 102 15.18 -4.09 -13.13
CA ILE C 102 14.04 -3.25 -12.67
C ILE C 102 12.83 -3.58 -13.56
N LYS C 103 12.99 -3.60 -14.87
CA LYS C 103 11.86 -3.85 -15.80
C LYS C 103 11.26 -5.23 -15.47
N GLU C 104 12.09 -6.21 -15.10
CA GLU C 104 11.65 -7.60 -14.81
C GLU C 104 10.86 -7.65 -13.49
N GLN C 105 10.95 -6.62 -12.65
CA GLN C 105 10.27 -6.59 -11.33
C GLN C 105 9.07 -5.66 -11.39
N TRP C 106 9.30 -4.40 -11.75
CA TRP C 106 8.29 -3.32 -11.79
C TRP C 106 7.52 -3.34 -13.11
N GLY C 107 8.05 -4.00 -14.14
CA GLY C 107 7.46 -4.00 -15.49
C GLY C 107 8.02 -2.90 -16.38
N SER C 108 8.38 -1.75 -15.81
CA SER C 108 8.90 -0.59 -16.58
C SER C 108 9.75 0.26 -15.64
N LEU C 109 10.71 0.99 -16.21
CA LEU C 109 11.49 1.95 -15.41
C LEU C 109 10.54 3.02 -14.86
N ASP C 110 9.51 3.42 -15.62
CA ASP C 110 8.57 4.48 -15.16
C ASP C 110 7.89 4.02 -13.86
N ALA C 111 7.47 2.76 -13.77
CA ALA C 111 6.74 2.23 -12.59
C ALA C 111 7.69 2.22 -11.39
N PHE C 112 8.95 1.85 -11.62
CA PHE C 112 10.00 1.89 -10.58
C PHE C 112 10.20 3.34 -10.09
N LYS C 113 10.31 4.29 -11.01
CA LYS C 113 10.52 5.71 -10.65
C LYS C 113 9.33 6.20 -9.81
N GLU C 114 8.11 5.79 -10.16
CA GLU C 114 6.89 6.25 -9.43
C GLU C 114 7.02 5.80 -7.96
N GLU C 115 7.36 4.54 -7.72
CA GLU C 115 7.50 4.01 -6.34
C GLU C 115 8.66 4.72 -5.64
N PHE C 116 9.81 4.84 -6.31
CA PHE C 116 11.00 5.49 -5.71
C PHE C 116 10.62 6.92 -5.33
N ALA C 117 9.99 7.66 -6.24
CA ALA C 117 9.62 9.07 -6.03
C ALA C 117 8.62 9.18 -4.87
N ASN C 118 7.67 8.24 -4.78
CA ASN C 118 6.66 8.25 -3.69
C ASN C 118 7.37 8.03 -2.35
N GLN C 119 8.23 7.02 -2.26
CA GLN C 119 8.96 6.74 -0.99
C GLN C 119 9.89 7.91 -0.68
N ALA C 120 10.59 8.47 -1.66
CA ALA C 120 11.54 9.58 -1.43
C ALA C 120 10.78 10.80 -0.90
N GLU C 121 9.60 11.11 -1.44
CA GLU C 121 8.81 12.28 -1.00
CA GLU C 121 8.81 12.29 -1.00
C GLU C 121 8.33 12.05 0.44
N ALA C 122 7.98 10.81 0.77
CA ALA C 122 7.30 10.51 2.05
C ALA C 122 8.31 10.37 3.19
N ARG C 123 9.62 10.33 2.92
CA ARG C 123 10.66 10.30 3.96
C ARG C 123 10.64 11.66 4.68
N PHE C 124 10.08 11.66 5.89
CA PHE C 124 9.81 12.90 6.63
C PHE C 124 11.07 13.30 7.40
N GLY C 125 11.46 14.57 7.23
CA GLY C 125 12.71 15.09 7.80
C GLY C 125 13.87 14.78 6.88
N SER C 126 15.03 14.49 7.45
CA SER C 126 16.29 14.25 6.72
C SER C 126 16.44 12.76 6.42
N GLY C 127 17.00 12.43 5.26
CA GLY C 127 17.39 11.05 4.99
C GLY C 127 17.64 10.81 3.52
N TRP C 128 17.50 9.54 3.15
CA TRP C 128 17.96 8.97 1.86
C TRP C 128 16.90 8.01 1.35
N ALA C 129 16.69 7.99 0.04
CA ALA C 129 15.92 6.96 -0.66
C ALA C 129 16.88 6.03 -1.40
N TRP C 130 16.62 4.73 -1.35
CA TRP C 130 17.56 3.71 -1.86
C TRP C 130 16.84 2.69 -2.72
N LEU C 131 17.52 2.26 -3.79
CA LEU C 131 17.31 0.93 -4.37
C LEU C 131 18.35 0.00 -3.76
N VAL C 132 17.92 -1.13 -3.21
CA VAL C 132 18.85 -2.08 -2.54
C VAL C 132 18.67 -3.45 -3.17
N VAL C 133 19.71 -4.28 -3.05
CA VAL C 133 19.60 -5.76 -3.20
C VAL C 133 19.47 -6.36 -1.81
N ASN C 134 18.37 -7.08 -1.59
CA ASN C 134 18.05 -7.76 -0.32
C ASN C 134 17.98 -9.26 -0.63
N ASP C 135 19.04 -10.00 -0.30
CA ASP C 135 19.15 -11.46 -0.57
C ASP C 135 18.74 -11.72 -2.02
N GLY C 136 19.31 -10.96 -2.96
CA GLY C 136 19.17 -11.18 -4.41
C GLY C 136 18.01 -10.43 -5.03
N LYS C 137 17.09 -9.87 -4.24
CA LYS C 137 15.86 -9.22 -4.78
C LYS C 137 15.99 -7.70 -4.65
N LEU C 138 15.48 -6.96 -5.64
CA LEU C 138 15.47 -5.47 -5.63
C LEU C 138 14.33 -4.97 -4.74
N GLU C 139 14.63 -4.01 -3.86
CA GLU C 139 13.64 -3.36 -2.97
C GLU C 139 13.93 -1.86 -2.94
N ILE C 140 12.90 -1.04 -2.85
CA ILE C 140 13.06 0.41 -2.52
C ILE C 140 12.82 0.58 -1.02
N VAL C 141 13.75 1.26 -0.36
CA VAL C 141 13.64 1.61 1.08
C VAL C 141 14.08 3.05 1.26
N THR C 142 13.74 3.66 2.38
CA THR C 142 14.34 4.95 2.78
C THR C 142 14.93 4.80 4.17
N THR C 143 15.88 5.66 4.49
CA THR C 143 16.53 5.69 5.81
C THR C 143 16.50 7.11 6.34
N PRO C 144 16.47 7.25 7.68
CA PRO C 144 16.61 8.56 8.32
C PRO C 144 18.07 9.01 8.39
N ASN C 145 18.26 10.32 8.32
CA ASN C 145 19.54 11.00 8.63
C ASN C 145 20.64 10.38 7.76
N GLN C 146 21.68 9.79 8.33
CA GLN C 146 22.76 9.18 7.50
C GLN C 146 22.75 7.66 7.67
N ASP C 147 21.62 7.07 8.09
CA ASP C 147 21.54 5.59 8.20
C ASP C 147 21.64 5.01 6.79
N ASN C 148 22.22 3.81 6.68
CA ASN C 148 22.50 3.16 5.38
C ASN C 148 21.99 1.72 5.45
N PRO C 149 21.32 1.21 4.39
CA PRO C 149 20.82 -0.17 4.41
C PRO C 149 21.87 -1.25 4.66
N LEU C 150 23.18 -0.99 4.47
CA LEU C 150 24.25 -1.99 4.73
C LEU C 150 24.11 -2.50 6.17
N THR C 151 23.76 -1.61 7.10
CA THR C 151 23.68 -1.93 8.55
C THR C 151 22.57 -2.98 8.74
N GLU C 152 21.63 -3.03 7.80
CA GLU C 152 20.44 -3.92 7.78
C GLU C 152 20.69 -5.20 7.00
N GLY C 153 21.90 -5.35 6.44
CA GLY C 153 22.23 -6.50 5.58
C GLY C 153 21.66 -6.37 4.18
N LYS C 154 21.41 -5.15 3.70
CA LYS C 154 20.91 -4.88 2.32
C LYS C 154 21.93 -4.02 1.58
N THR C 155 22.18 -4.31 0.30
CA THR C 155 23.26 -3.65 -0.46
C THR C 155 22.68 -2.49 -1.24
N PRO C 156 23.10 -1.24 -0.96
CA PRO C 156 22.59 -0.09 -1.70
C PRO C 156 23.22 -0.02 -3.09
N ILE C 157 22.41 0.19 -4.12
CA ILE C 157 22.93 0.27 -5.51
C ILE C 157 22.50 1.59 -6.16
N LEU C 158 21.51 2.27 -5.58
CA LEU C 158 21.17 3.67 -5.99
C LEU C 158 20.71 4.39 -4.72
N GLY C 159 21.16 5.62 -4.56
CA GLY C 159 20.70 6.46 -3.44
C GLY C 159 20.43 7.87 -3.89
N LEU C 160 19.42 8.48 -3.29
CA LEU C 160 19.10 9.91 -3.47
C LEU C 160 19.09 10.57 -2.10
N ASP C 161 19.90 11.61 -1.97
CA ASP C 161 19.95 12.44 -0.75
C ASP C 161 18.71 13.33 -0.73
N VAL C 162 17.85 13.18 0.28
CA VAL C 162 16.67 14.07 0.43
C VAL C 162 16.79 14.92 1.70
N TRP C 163 17.98 15.05 2.27
CA TRP C 163 18.25 16.21 3.15
C TRP C 163 17.98 17.50 2.39
N GLU C 164 17.41 18.50 3.05
CA GLU C 164 17.10 19.77 2.36
C GLU C 164 18.36 20.42 1.80
N HIS C 165 19.54 20.25 2.40
CA HIS C 165 20.76 20.89 1.83
C HIS C 165 21.00 20.40 0.41
N ALA C 166 20.48 19.23 0.03
CA ALA C 166 20.75 18.63 -1.29
C ALA C 166 19.93 19.33 -2.36
N TYR C 167 18.89 20.09 -1.99
CA TYR C 167 17.93 20.60 -3.00
C TYR C 167 17.42 22.01 -2.70
N TYR C 168 17.73 22.60 -1.54
CA TYR C 168 16.99 23.80 -1.10
C TYR C 168 17.37 25.02 -1.96
N LEU C 169 18.63 25.15 -2.34
CA LEU C 169 19.06 26.39 -3.04
C LEU C 169 18.31 26.52 -4.37
N LYS C 170 18.12 25.40 -5.08
CA LYS C 170 17.47 25.43 -6.42
C LYS C 170 15.96 25.23 -6.30
N TYR C 171 15.50 24.32 -5.45
CA TYR C 171 14.10 23.82 -5.45
C TYR C 171 13.31 24.31 -4.23
N GLN C 172 14.00 24.86 -3.23
CA GLN C 172 13.38 25.19 -1.91
C GLN C 172 12.51 24.01 -1.49
N ASN C 173 11.23 24.23 -1.18
CA ASN C 173 10.34 23.19 -0.59
C ASN C 173 9.95 22.12 -1.62
N LYS C 174 10.29 22.29 -2.89
CA LYS C 174 9.73 21.45 -3.99
C LYS C 174 10.55 20.17 -4.16
N ARG C 175 10.57 19.32 -3.13
CA ARG C 175 11.34 18.05 -3.18
C ARG C 175 10.89 17.19 -4.36
N PRO C 176 9.59 17.06 -4.72
CA PRO C 176 9.22 16.28 -5.89
C PRO C 176 9.90 16.73 -7.18
N ASP C 177 10.10 18.04 -7.35
CA ASP C 177 10.74 18.60 -8.57
C ASP C 177 12.21 18.14 -8.60
N TYR C 178 12.85 18.10 -7.44
CA TYR C 178 14.25 17.65 -7.31
C TYR C 178 14.33 16.16 -7.63
N ILE C 179 13.41 15.36 -7.10
CA ILE C 179 13.39 13.89 -7.35
C ILE C 179 13.22 13.66 -8.85
N SER C 180 12.33 14.40 -9.51
CA SER C 180 12.11 14.25 -10.98
C SER C 180 13.39 14.62 -11.72
N ALA C 181 14.08 15.68 -11.30
CA ALA C 181 15.29 16.17 -11.99
C ALA C 181 16.41 15.13 -11.85
N PHE C 182 16.47 14.46 -10.71
CA PHE C 182 17.51 13.46 -10.37
C PHE C 182 17.61 12.39 -11.48
N TRP C 183 16.49 11.92 -12.02
CA TRP C 183 16.53 10.83 -13.03
C TRP C 183 17.44 11.22 -14.19
N ASN C 184 17.53 12.52 -14.51
CA ASN C 184 18.30 13.01 -15.67
C ASN C 184 19.79 12.84 -15.45
N VAL C 185 20.24 12.56 -14.22
CA VAL C 185 21.70 12.54 -13.90
C VAL C 185 22.09 11.22 -13.19
N VAL C 186 21.25 10.19 -13.24
CA VAL C 186 21.59 8.89 -12.60
C VAL C 186 22.67 8.19 -13.43
N ASN C 187 23.75 7.77 -12.78
CA ASN C 187 24.83 6.97 -13.42
C ASN C 187 24.48 5.50 -13.31
N TRP C 188 23.76 4.97 -14.30
CA TRP C 188 23.32 3.55 -14.28
C TRP C 188 24.51 2.59 -14.44
N GLU C 189 25.65 3.07 -14.97
CA GLU C 189 26.88 2.26 -15.03
C GLU C 189 27.36 2.00 -13.59
N LYS C 190 27.31 3.01 -12.72
CA LYS C 190 27.73 2.84 -11.31
C LYS C 190 26.69 1.97 -10.58
N VAL C 191 25.40 2.15 -10.87
CA VAL C 191 24.37 1.28 -10.26
C VAL C 191 24.69 -0.18 -10.60
N ASP C 192 25.01 -0.45 -11.87
CA ASP C 192 25.33 -1.81 -12.37
C ASP C 192 26.53 -2.34 -11.57
N GLU C 193 27.54 -1.51 -11.38
CA GLU C 193 28.78 -1.93 -10.69
C GLU C 193 28.44 -2.38 -9.26
N LEU C 194 27.65 -1.58 -8.54
CA LEU C 194 27.31 -1.86 -7.12
C LEU C 194 26.47 -3.13 -7.05
N TYR C 195 25.55 -3.32 -7.99
CA TYR C 195 24.71 -4.54 -8.09
C TYR C 195 25.61 -5.76 -8.32
N ASN C 196 26.51 -5.69 -9.30
CA ASN C 196 27.35 -6.83 -9.72
C ASN C 196 28.20 -7.28 -8.52
N ALA C 197 28.61 -6.34 -7.66
CA ALA C 197 29.48 -6.62 -6.47
C ALA C 197 28.68 -7.10 -5.25
N ALA C 198 27.34 -7.03 -5.25
CA ALA C 198 26.53 -7.28 -4.03
C ALA C 198 26.82 -8.67 -3.46
N LYS C 199 26.95 -8.78 -2.13
CA LYS C 199 27.42 -10.00 -1.42
C LYS C 199 26.22 -10.80 -0.90
N ALA D 2 -11.92 24.08 10.88
CA ALA D 2 -10.65 23.39 10.52
C ALA D 2 -9.47 24.23 11.03
N PHE D 3 -8.26 23.67 11.02
CA PHE D 3 -7.04 24.43 11.37
C PHE D 3 -6.75 25.44 10.26
N GLU D 4 -6.19 26.58 10.63
CA GLU D 4 -5.90 27.69 9.68
C GLU D 4 -4.44 28.09 9.81
N LEU D 5 -3.85 28.53 8.71
CA LEU D 5 -2.48 29.11 8.71
C LEU D 5 -2.54 30.51 9.33
N PRO D 6 -1.91 30.74 10.50
CA PRO D 6 -1.96 32.04 11.14
C PRO D 6 -1.08 33.03 10.36
N ASN D 7 -1.51 34.28 10.24
CA ASN D 7 -0.65 35.36 9.69
C ASN D 7 0.58 35.53 10.58
N LEU D 8 1.73 35.84 9.99
CA LEU D 8 2.88 36.38 10.76
C LEU D 8 2.44 37.64 11.46
N PRO D 9 2.99 37.93 12.65
CA PRO D 9 2.74 39.19 13.35
C PRO D 9 3.58 40.38 12.87
N TYR D 10 4.30 40.22 11.75
CA TYR D 10 5.20 41.25 11.16
C TYR D 10 5.32 40.93 9.67
N GLY D 11 5.89 41.85 8.90
CA GLY D 11 6.17 41.65 7.47
C GLY D 11 7.28 40.63 7.26
N PHE D 12 7.40 40.12 6.03
CA PHE D 12 8.39 39.07 5.68
C PHE D 12 9.81 39.58 5.86
N ARG D 13 10.01 40.89 5.75
CA ARG D 13 11.35 41.55 5.80
C ARG D 13 11.71 41.90 7.25
N ALA D 14 10.79 41.74 8.21
CA ALA D 14 10.89 42.38 9.54
C ALA D 14 12.06 41.81 10.36
N LEU D 15 12.56 40.61 10.04
CA LEU D 15 13.63 39.97 10.87
C LEU D 15 14.99 40.11 10.18
N GLU D 16 15.08 40.87 9.09
CA GLU D 16 16.38 41.18 8.44
C GLU D 16 17.25 41.96 9.42
N PRO D 17 18.59 41.83 9.37
CA PRO D 17 19.28 40.89 8.49
C PRO D 17 19.55 39.49 9.08
N HIS D 18 18.78 39.10 10.10
CA HIS D 18 19.04 37.88 10.90
C HIS D 18 18.41 36.67 10.22
N ILE D 19 17.18 36.82 9.75
CA ILE D 19 16.49 35.83 8.87
C ILE D 19 16.00 36.56 7.63
N ASP D 20 16.32 36.01 6.46
CA ASP D 20 16.05 36.63 5.14
C ASP D 20 14.56 36.59 4.83
N GLN D 21 14.12 37.62 4.11
CA GLN D 21 12.73 37.80 3.66
C GLN D 21 12.25 36.60 2.85
N GLN D 22 13.08 36.09 1.93
CA GLN D 22 12.67 34.98 1.04
C GLN D 22 12.30 33.76 1.90
N THR D 23 13.13 33.43 2.89
CA THR D 23 12.88 32.31 3.81
C THR D 23 11.59 32.55 4.60
N MET D 24 11.40 33.75 5.15
CA MET D 24 10.18 34.00 5.95
C MET D 24 8.96 33.72 5.06
N GLU D 25 9.00 34.12 3.79
CA GLU D 25 7.83 33.94 2.89
C GLU D 25 7.63 32.46 2.60
N ILE D 26 8.68 31.74 2.20
CA ILE D 26 8.52 30.31 1.79
C ILE D 26 8.18 29.49 3.03
N HIS D 27 8.88 29.76 4.11
CA HIS D 27 8.75 28.96 5.35
C HIS D 27 7.30 29.03 5.83
N HIS D 28 6.72 30.22 5.81
CA HIS D 28 5.33 30.45 6.26
C HIS D 28 4.34 30.00 5.17
N ASP D 29 4.47 30.55 3.96
CA ASP D 29 3.40 30.42 2.93
C ASP D 29 3.46 29.02 2.29
N LYS D 30 4.59 28.31 2.37
CA LYS D 30 4.70 26.96 1.74
C LYS D 30 4.83 25.89 2.82
N HIS D 31 5.87 25.92 3.65
CA HIS D 31 6.12 24.81 4.60
C HIS D 31 4.99 24.74 5.63
N HIS D 32 4.71 25.84 6.32
CA HIS D 32 3.65 25.81 7.35
C HIS D 32 2.30 25.52 6.67
N ASN D 33 2.02 26.20 5.56
CA ASN D 33 0.73 25.98 4.85
C ASN D 33 0.55 24.49 4.53
N THR D 34 1.59 23.81 4.07
CA THR D 34 1.50 22.37 3.72
C THR D 34 1.12 21.57 4.98
N TYR D 35 1.70 21.88 6.14
CA TYR D 35 1.38 21.16 7.38
C TYR D 35 -0.11 21.34 7.69
N VAL D 36 -0.62 22.55 7.50
CA VAL D 36 -2.06 22.84 7.80
C VAL D 36 -2.93 22.03 6.84
N THR D 37 -2.64 22.07 5.54
CA THR D 37 -3.40 21.29 4.54
C THR D 37 -3.44 19.82 4.94
N ARG D 38 -2.29 19.23 5.26
CA ARG D 38 -2.19 17.77 5.49
C ARG D 38 -2.81 17.41 6.83
N LEU D 39 -2.67 18.29 7.83
CA LEU D 39 -3.30 18.07 9.15
C LEU D 39 -4.82 18.04 9.00
N ASN D 40 -5.38 19.00 8.26
CA ASN D 40 -6.84 19.07 8.01
C ASN D 40 -7.27 17.78 7.30
N ALA D 41 -6.51 17.30 6.32
CA ALA D 41 -6.87 16.08 5.56
C ALA D 41 -6.92 14.90 6.52
N ALA D 42 -6.01 14.84 7.48
CA ALA D 42 -5.89 13.68 8.40
C ALA D 42 -7.03 13.70 9.41
N VAL D 43 -7.43 14.87 9.90
CA VAL D 43 -8.40 14.97 11.03
C VAL D 43 -9.84 15.07 10.50
N GLU D 44 -10.03 15.42 9.21
CA GLU D 44 -11.38 15.60 8.61
C GLU D 44 -12.23 14.36 8.94
N GLY D 45 -13.39 14.54 9.57
CA GLY D 45 -14.36 13.45 9.77
C GLY D 45 -14.05 12.60 10.99
N THR D 46 -13.10 13.03 11.83
CA THR D 46 -12.69 12.31 13.07
C THR D 46 -13.02 13.18 14.28
N ASP D 47 -12.96 12.61 15.48
CA ASP D 47 -13.24 13.36 16.74
C ASP D 47 -12.09 14.35 17.01
N LEU D 48 -11.00 14.31 16.24
CA LEU D 48 -9.87 15.27 16.43
C LEU D 48 -10.26 16.67 15.94
N GLU D 49 -11.25 16.78 15.05
CA GLU D 49 -11.64 18.06 14.40
C GLU D 49 -12.00 19.10 15.45
N SER D 50 -12.45 18.65 16.63
CA SER D 50 -13.00 19.53 17.70
C SER D 50 -11.94 19.82 18.77
N LYS D 51 -10.71 19.31 18.61
CA LYS D 51 -9.64 19.46 19.63
C LYS D 51 -8.67 20.59 19.22
N SER D 52 -8.13 21.32 20.19
CA SER D 52 -6.99 22.25 19.98
C SER D 52 -5.77 21.46 19.49
N ILE D 53 -4.88 22.11 18.74
CA ILE D 53 -3.63 21.43 18.30
C ILE D 53 -2.80 21.04 19.53
N GLU D 54 -2.81 21.84 20.59
CA GLU D 54 -2.05 21.51 21.83
C GLU D 54 -2.63 20.23 22.46
N GLU D 55 -3.95 20.10 22.51
CA GLU D 55 -4.63 18.88 23.04
C GLU D 55 -4.22 17.68 22.20
N ILE D 56 -4.21 17.81 20.88
CA ILE D 56 -3.86 16.68 19.98
C ILE D 56 -2.41 16.27 20.20
N VAL D 57 -1.49 17.22 20.19
CA VAL D 57 -0.04 16.89 20.22
C VAL D 57 0.32 16.32 21.60
N ALA D 58 -0.28 16.84 22.67
CA ALA D 58 -0.08 16.32 24.05
C ALA D 58 -0.58 14.87 24.12
N ASN D 59 -1.52 14.49 23.25
CA ASN D 59 -2.25 13.21 23.33
C ASN D 59 -2.08 12.41 22.03
N LEU D 60 -0.90 12.41 21.42
CA LEU D 60 -0.68 11.66 20.15
C LEU D 60 -0.92 10.18 20.38
N ASP D 61 -0.68 9.68 21.60
CA ASP D 61 -0.75 8.24 21.91
C ASP D 61 -2.19 7.74 21.75
N SER D 62 -3.17 8.65 21.80
CA SER D 62 -4.61 8.28 21.72
C SER D 62 -5.19 8.62 20.34
N VAL D 63 -4.35 9.11 19.41
CA VAL D 63 -4.77 9.40 18.00
C VAL D 63 -4.97 8.08 17.27
N PRO D 64 -6.07 7.92 16.51
CA PRO D 64 -6.30 6.68 15.77
C PRO D 64 -5.07 6.25 14.94
N GLU D 65 -4.78 4.96 15.02
CA GLU D 65 -3.49 4.38 14.58
C GLU D 65 -3.21 4.78 13.14
N ASN D 66 -4.21 4.70 12.25
CA ASN D 66 -3.99 4.86 10.79
C ASN D 66 -3.64 6.31 10.45
N ILE D 67 -3.95 7.28 11.33
CA ILE D 67 -3.63 8.71 11.03
C ILE D 67 -2.57 9.23 12.02
N GLN D 68 -2.05 8.39 12.90
CA GLN D 68 -1.16 8.87 14.00
C GLN D 68 0.10 9.50 13.40
N THR D 69 0.71 8.90 12.38
CA THR D 69 1.95 9.46 11.78
C THR D 69 1.64 10.81 11.13
N ALA D 70 0.58 10.89 10.35
CA ALA D 70 0.17 12.14 9.67
C ALA D 70 -0.11 13.23 10.71
N VAL D 71 -0.75 12.87 11.82
CA VAL D 71 -1.09 13.89 12.86
C VAL D 71 0.19 14.28 13.61
N ARG D 72 1.04 13.32 13.96
CA ARG D 72 2.32 13.64 14.65
C ARG D 72 3.12 14.62 13.79
N ASN D 73 3.30 14.30 12.52
CA ASN D 73 4.20 15.07 11.62
C ASN D 73 3.57 16.42 11.29
N ASN D 74 2.31 16.45 10.84
CA ASN D 74 1.70 17.69 10.33
C ASN D 74 1.10 18.49 11.49
N GLY D 75 0.54 17.81 12.49
CA GLY D 75 0.09 18.46 13.73
C GLY D 75 1.26 19.09 14.46
N GLY D 76 2.35 18.34 14.63
CA GLY D 76 3.62 18.89 15.14
C GLY D 76 4.06 20.09 14.31
N GLY D 77 4.06 19.94 12.98
CA GLY D 77 4.47 21.03 12.07
C GLY D 77 3.63 22.27 12.33
N HIS D 78 2.32 22.11 12.44
CA HIS D 78 1.41 23.26 12.67
C HIS D 78 1.71 23.92 14.02
N LEU D 79 1.78 23.12 15.10
CA LEU D 79 2.03 23.69 16.44
C LEU D 79 3.39 24.37 16.47
N ASN D 80 4.42 23.70 15.95
CA ASN D 80 5.81 24.17 16.13
C ASN D 80 5.96 25.51 15.38
N HIS D 81 5.45 25.61 14.16
CA HIS D 81 5.60 26.85 13.37
C HIS D 81 4.71 27.93 13.95
N SER D 82 3.52 27.58 14.46
CA SER D 82 2.63 28.57 15.12
C SER D 82 3.37 29.21 16.30
N LEU D 83 4.05 28.40 17.12
CA LEU D 83 4.87 28.92 18.24
C LEU D 83 5.99 29.80 17.68
N PHE D 84 6.70 29.28 16.68
CA PHE D 84 7.93 29.92 16.16
C PHE D 84 7.60 31.35 15.71
N TRP D 85 6.52 31.56 14.95
CA TRP D 85 6.31 32.93 14.38
C TRP D 85 6.12 33.91 15.54
N GLU D 86 5.46 33.47 16.60
CA GLU D 86 5.09 34.39 17.71
C GLU D 86 6.30 34.61 18.62
N LEU D 87 7.30 33.73 18.53
CA LEU D 87 8.51 33.76 19.38
C LEU D 87 9.63 34.57 18.71
N LEU D 88 9.36 35.09 17.51
CA LEU D 88 10.28 35.98 16.77
C LEU D 88 9.69 37.39 16.79
N THR D 89 10.55 38.40 16.72
CA THR D 89 10.12 39.82 16.72
C THR D 89 11.24 40.68 16.15
N PRO D 90 10.89 41.77 15.43
CA PRO D 90 11.85 42.82 15.09
C PRO D 90 12.25 43.69 16.30
N ASN D 91 11.59 43.49 17.45
CA ASN D 91 11.69 44.39 18.63
C ASN D 91 12.22 43.62 19.85
N SER D 92 13.20 42.73 19.68
CA SER D 92 13.70 41.84 20.76
C SER D 92 14.34 42.66 21.88
N GLU D 93 13.99 42.37 23.13
CA GLU D 93 14.65 42.92 24.33
C GLU D 93 14.96 41.79 25.31
N GLU D 94 16.22 41.64 25.68
CA GLU D 94 16.68 40.52 26.55
C GLU D 94 16.43 40.90 28.01
N LYS D 95 15.16 40.86 28.40
CA LYS D 95 14.72 41.10 29.79
C LYS D 95 13.42 40.34 30.05
N GLY D 96 13.10 40.21 31.33
CA GLY D 96 11.80 39.75 31.78
C GLY D 96 11.93 38.55 32.70
N THR D 97 10.81 37.87 32.92
CA THR D 97 10.67 36.81 33.94
C THR D 97 11.61 35.67 33.61
N VAL D 98 11.58 35.19 32.36
CA VAL D 98 12.37 34.00 31.99
C VAL D 98 13.85 34.36 31.88
N VAL D 99 14.19 35.54 31.34
CA VAL D 99 15.62 35.97 31.31
C VAL D 99 16.15 35.95 32.76
N ASP D 100 15.38 36.43 33.72
CA ASP D 100 15.83 36.48 35.13
C ASP D 100 15.98 35.05 35.67
N LYS D 101 15.04 34.15 35.35
CA LYS D 101 15.12 32.74 35.80
C LYS D 101 16.35 32.09 35.16
N ILE D 102 16.61 32.39 33.89
CA ILE D 102 17.79 31.84 33.15
C ILE D 102 19.06 32.29 33.86
N LYS D 103 19.16 33.57 34.23
CA LYS D 103 20.38 34.12 34.85
C LYS D 103 20.62 33.39 36.18
N GLU D 104 19.55 33.17 36.95
CA GLU D 104 19.58 32.45 38.25
C GLU D 104 20.13 31.03 38.05
N GLN D 105 19.62 30.31 37.06
CA GLN D 105 19.88 28.86 36.90
C GLN D 105 21.21 28.62 36.17
N TRP D 106 21.50 29.36 35.10
CA TRP D 106 22.73 29.16 34.28
C TRP D 106 23.84 30.11 34.73
N GLY D 107 23.51 31.12 35.55
CA GLY D 107 24.48 32.11 36.06
C GLY D 107 24.55 33.35 35.17
N SER D 108 24.29 33.19 33.88
CA SER D 108 24.25 34.31 32.91
C SER D 108 23.42 33.89 31.68
N LEU D 109 22.93 34.87 30.94
CA LEU D 109 22.21 34.60 29.68
C LEU D 109 23.19 33.99 28.68
N ASP D 110 24.46 34.44 28.68
CA ASP D 110 25.50 33.91 27.77
C ASP D 110 25.68 32.40 28.00
N ALA D 111 25.74 31.95 29.26
CA ALA D 111 25.99 30.53 29.59
C ALA D 111 24.80 29.69 29.09
N PHE D 112 23.59 30.21 29.26
CA PHE D 112 22.36 29.58 28.73
C PHE D 112 22.45 29.48 27.20
N LYS D 113 22.81 30.57 26.54
CA LYS D 113 22.86 30.60 25.06
C LYS D 113 23.89 29.57 24.58
N GLU D 114 25.00 29.43 25.29
CA GLU D 114 26.06 28.47 24.90
C GLU D 114 25.45 27.05 24.94
N GLU D 115 24.74 26.70 26.01
CA GLU D 115 24.16 25.33 26.14
C GLU D 115 23.09 25.14 25.06
N PHE D 116 22.23 26.15 24.86
CA PHE D 116 21.15 26.06 23.85
C PHE D 116 21.78 25.88 22.47
N ALA D 117 22.81 26.66 22.16
CA ALA D 117 23.48 26.65 20.84
C ALA D 117 24.17 25.30 20.64
N ASN D 118 24.77 24.74 21.69
CA ASN D 118 25.48 23.44 21.59
C ASN D 118 24.45 22.35 21.30
N GLN D 119 23.33 22.31 22.03
CA GLN D 119 22.30 21.28 21.80
C GLN D 119 21.67 21.49 20.41
N ALA D 120 21.40 22.74 20.03
CA ALA D 120 20.75 23.07 18.74
C ALA D 120 21.66 22.61 17.60
N GLU D 121 22.97 22.83 17.72
CA GLU D 121 23.95 22.41 16.67
CA GLU D 121 23.94 22.42 16.67
C GLU D 121 24.01 20.88 16.62
N ALA D 122 23.94 20.20 17.76
CA ALA D 122 24.14 18.74 17.88
C ALA D 122 22.89 17.96 17.46
N ARG D 123 21.75 18.63 17.28
CA ARG D 123 20.52 17.94 16.80
C ARG D 123 20.78 17.51 15.34
N PHE D 124 21.01 16.23 15.14
CA PHE D 124 21.47 15.68 13.84
C PHE D 124 20.27 15.40 12.94
N GLY D 125 20.30 15.91 11.71
CA GLY D 125 19.15 15.86 10.81
C GLY D 125 18.20 17.02 11.08
N SER D 126 16.91 16.77 10.94
CA SER D 126 15.85 17.80 11.07
C SER D 126 15.33 17.82 12.51
N GLY D 127 15.00 19.00 13.03
CA GLY D 127 14.29 19.06 14.31
C GLY D 127 14.31 20.45 14.88
N TRP D 128 14.14 20.53 16.19
CA TRP D 128 13.86 21.77 16.95
C TRP D 128 14.70 21.75 18.22
N ALA D 129 15.21 22.91 18.62
CA ALA D 129 15.80 23.13 19.96
C ALA D 129 14.80 23.90 20.82
N TRP D 130 14.65 23.52 22.08
CA TRP D 130 13.60 24.08 22.95
C TRP D 130 14.17 24.48 24.30
N LEU D 131 13.63 25.55 24.86
CA LEU D 131 13.57 25.73 26.32
C LEU D 131 12.19 25.33 26.77
N VAL D 132 12.10 24.43 27.74
CA VAL D 132 10.80 23.93 28.26
C VAL D 132 10.74 24.22 29.74
N VAL D 133 9.53 24.31 30.26
CA VAL D 133 9.31 24.26 31.72
C VAL D 133 8.63 22.92 31.99
N ASN D 134 9.22 22.17 32.92
CA ASN D 134 8.92 20.75 33.21
C ASN D 134 8.73 20.68 34.72
N ASP D 135 7.49 20.52 35.18
CA ASP D 135 7.12 20.59 36.62
C ASP D 135 7.86 21.78 37.27
N GLY D 136 7.75 22.98 36.69
CA GLY D 136 8.23 24.25 37.28
C GLY D 136 9.70 24.52 36.98
N LYS D 137 10.42 23.57 36.39
CA LYS D 137 11.90 23.63 36.20
C LYS D 137 12.20 23.93 34.73
N LEU D 138 13.22 24.76 34.46
CA LEU D 138 13.66 25.05 33.08
C LEU D 138 14.65 23.97 32.62
N GLU D 139 14.49 23.52 31.37
CA GLU D 139 15.35 22.50 30.76
C GLU D 139 15.50 22.83 29.28
N ILE D 140 16.70 22.64 28.75
CA ILE D 140 16.93 22.69 27.29
C ILE D 140 16.83 21.27 26.76
N VAL D 141 16.03 21.07 25.72
CA VAL D 141 15.89 19.77 25.03
C VAL D 141 15.87 20.03 23.53
N THR D 142 16.12 18.99 22.74
CA THR D 142 15.84 19.04 21.29
C THR D 142 14.93 17.89 20.93
N THR D 143 14.25 18.03 19.81
CA THR D 143 13.36 16.98 19.27
C THR D 143 13.67 16.76 17.81
N PRO D 144 13.44 15.54 17.32
CA PRO D 144 13.52 15.25 15.91
C PRO D 144 12.29 15.71 15.14
N ASN D 145 12.52 16.10 13.88
CA ASN D 145 11.46 16.26 12.87
C ASN D 145 10.46 17.30 13.42
N GLN D 146 9.18 16.97 13.57
CA GLN D 146 8.20 17.93 14.12
C GLN D 146 7.70 17.43 15.48
N ASP D 147 8.46 16.57 16.17
CA ASP D 147 8.09 16.15 17.54
C ASP D 147 8.13 17.39 18.45
N ASN D 148 7.28 17.40 19.47
CA ASN D 148 7.10 18.58 20.35
C ASN D 148 7.17 18.08 21.78
N PRO D 149 7.86 18.80 22.69
CA PRO D 149 7.92 18.39 24.10
C PRO D 149 6.57 18.18 24.80
N LEU D 150 5.48 18.80 24.34
CA LEU D 150 4.15 18.59 25.00
C LEU D 150 3.84 17.11 25.06
N THR D 151 4.27 16.34 24.06
CA THR D 151 3.95 14.90 23.96
C THR D 151 4.58 14.16 25.14
N GLU D 152 5.67 14.70 25.69
CA GLU D 152 6.44 14.08 26.81
C GLU D 152 6.17 14.83 28.11
N GLY D 153 5.11 15.67 28.13
CA GLY D 153 4.63 16.36 29.34
C GLY D 153 5.53 17.53 29.72
N LYS D 154 6.22 18.15 28.76
CA LYS D 154 7.05 19.36 28.99
C LYS D 154 6.49 20.50 28.16
N THR D 155 6.43 21.71 28.71
CA THR D 155 5.79 22.86 28.03
C THR D 155 6.84 23.71 27.35
N PRO D 156 6.81 23.81 26.00
CA PRO D 156 7.79 24.66 25.32
C PRO D 156 7.52 26.15 25.59
N ILE D 157 8.58 26.90 25.91
CA ILE D 157 8.46 28.38 26.08
C ILE D 157 9.37 29.12 25.09
N LEU D 158 10.34 28.42 24.49
CA LEU D 158 11.15 28.98 23.38
C LEU D 158 11.49 27.83 22.45
N GLY D 159 11.43 28.07 21.15
CA GLY D 159 11.77 27.05 20.16
C GLY D 159 12.57 27.67 19.03
N LEU D 160 13.54 26.91 18.52
CA LEU D 160 14.28 27.27 17.29
C LEU D 160 14.19 26.13 16.30
N ASP D 161 13.70 26.44 15.11
CA ASP D 161 13.62 25.49 13.98
C ASP D 161 15.04 25.27 13.43
N VAL D 162 15.57 24.06 13.50
CA VAL D 162 16.90 23.77 12.89
C VAL D 162 16.74 22.80 11.71
N TRP D 163 15.54 22.64 11.16
CA TRP D 163 15.40 22.10 9.78
C TRP D 163 16.21 23.00 8.85
N GLU D 164 16.88 22.40 7.87
CA GLU D 164 17.74 23.16 6.94
C GLU D 164 16.91 24.22 6.22
N HIS D 165 15.62 23.99 5.94
CA HIS D 165 14.80 25.01 5.22
C HIS D 165 14.74 26.31 6.00
N ALA D 166 14.98 26.27 7.31
CA ALA D 166 14.86 27.46 8.18
C ALA D 166 16.07 28.37 7.99
N TYR D 167 17.19 27.88 7.45
CA TYR D 167 18.44 28.67 7.44
C TYR D 167 19.24 28.50 6.15
N TYR D 168 18.85 27.61 5.23
CA TYR D 168 19.79 27.23 4.15
C TYR D 168 19.97 28.38 3.16
N LEU D 169 18.92 29.11 2.80
CA LEU D 169 19.06 30.14 1.74
C LEU D 169 20.08 31.20 2.16
N LYS D 170 20.13 31.55 3.45
CA LYS D 170 21.02 32.65 3.92
C LYS D 170 22.35 32.08 4.43
N TYR D 171 22.33 30.96 5.17
CA TYR D 171 23.48 30.48 5.97
C TYR D 171 24.09 29.20 5.38
N GLN D 172 23.39 28.55 4.44
CA GLN D 172 23.76 27.22 3.90
C GLN D 172 24.17 26.33 5.08
N ASN D 173 25.37 25.75 5.08
CA ASN D 173 25.78 24.73 6.08
C ASN D 173 26.02 25.35 7.46
N LYS D 174 26.02 26.68 7.58
CA LYS D 174 26.55 27.37 8.79
C LYS D 174 25.45 27.49 9.85
N ARG D 175 24.93 26.36 10.31
CA ARG D 175 23.85 26.36 11.32
C ARG D 175 24.27 27.19 12.54
N PRO D 176 25.52 27.09 13.06
CA PRO D 176 25.90 27.93 14.20
C PRO D 176 25.71 29.43 13.99
N ASP D 177 25.94 29.93 12.78
CA ASP D 177 25.78 31.38 12.46
C ASP D 177 24.28 31.72 12.54
N TYR D 178 23.41 30.82 12.09
CA TYR D 178 21.95 31.01 12.16
C TYR D 178 21.50 31.06 13.62
N ILE D 179 21.99 30.13 14.44
CA ILE D 179 21.67 30.06 15.88
C ILE D 179 22.10 31.35 16.55
N SER D 180 23.31 31.86 16.25
CA SER D 180 23.82 33.12 16.84
C SER D 180 22.90 34.29 16.44
N ALA D 181 22.46 34.31 15.18
CA ALA D 181 21.62 35.40 14.63
C ALA D 181 20.25 35.39 15.31
N PHE D 182 19.74 34.19 15.62
CA PHE D 182 18.40 33.98 16.22
C PHE D 182 18.24 34.83 17.50
N TRP D 183 19.27 34.91 18.34
CA TRP D 183 19.17 35.64 19.63
C TRP D 183 18.71 37.08 19.37
N ASN D 184 19.05 37.65 18.23
CA ASN D 184 18.71 39.07 17.91
C ASN D 184 17.21 39.24 17.71
N VAL D 185 16.46 38.16 17.48
CA VAL D 185 15.02 38.26 17.11
C VAL D 185 14.14 37.45 18.07
N VAL D 186 14.65 37.03 19.23
CA VAL D 186 13.80 36.29 20.21
C VAL D 186 12.79 37.24 20.84
N ASN D 187 11.52 36.86 20.82
CA ASN D 187 10.45 37.61 21.52
C ASN D 187 10.34 37.12 22.96
N TRP D 188 11.09 37.75 23.87
CA TRP D 188 11.13 37.33 25.28
C TRP D 188 9.80 37.67 25.98
N GLU D 189 9.00 38.59 25.43
CA GLU D 189 7.64 38.87 25.95
C GLU D 189 6.78 37.61 25.75
N LYS D 190 6.89 36.99 24.56
CA LYS D 190 6.12 35.76 24.24
C LYS D 190 6.65 34.60 25.09
N VAL D 191 7.96 34.49 25.25
CA VAL D 191 8.57 33.45 26.14
C VAL D 191 7.96 33.60 27.54
N ASP D 192 7.94 34.83 28.07
CA ASP D 192 7.39 35.09 29.42
C ASP D 192 5.92 34.66 29.46
N GLU D 193 5.14 34.96 28.43
CA GLU D 193 3.70 34.60 28.39
C GLU D 193 3.58 33.07 28.48
N LEU D 194 4.34 32.33 27.68
CA LEU D 194 4.21 30.85 27.64
C LEU D 194 4.64 30.26 28.99
N TYR D 195 5.71 30.80 29.59
CA TYR D 195 6.22 30.37 30.91
C TYR D 195 5.18 30.67 31.99
N ASN D 196 4.66 31.90 32.01
CA ASN D 196 3.72 32.33 33.08
C ASN D 196 2.46 31.47 33.02
N ALA D 197 2.05 31.02 31.82
CA ALA D 197 0.87 30.15 31.63
C ALA D 197 1.12 28.77 32.23
N ALA D 198 2.37 28.29 32.24
CA ALA D 198 2.67 26.87 32.47
C ALA D 198 3.54 26.64 33.72
N LYS D 199 4.02 27.67 34.40
CA LYS D 199 5.15 27.49 35.37
C LYS D 199 4.70 26.70 36.61
N HIS D 200 3.40 26.60 36.86
CA HIS D 200 2.87 25.83 38.02
C HIS D 200 2.40 24.44 37.57
N HIS D 201 2.40 24.15 36.27
CA HIS D 201 1.97 22.83 35.74
C HIS D 201 2.96 21.77 36.21
N HIS D 202 2.45 20.61 36.60
CA HIS D 202 3.28 19.49 37.13
C HIS D 202 2.51 18.17 36.96
N HIS D 203 3.18 17.07 37.27
CA HIS D 203 2.65 15.68 37.16
C HIS D 203 2.52 15.06 38.55
MN MN E . -22.99 -17.14 -0.94
C1 PEG F . -38.55 -7.13 -10.14
O1 PEG F . -37.59 -6.51 -10.98
C2 PEG F . -37.94 -8.23 -9.34
O2 PEG F . -37.66 -9.34 -10.18
C3 PEG F . -38.63 -10.37 -10.06
C4 PEG F . -38.02 -11.68 -10.45
O4 PEG F . -38.48 -12.76 -9.65
N1 AZI G . -27.17 -24.94 -5.22
N2 AZI G . -27.86 -25.51 -5.94
N3 AZI G . -28.54 -25.98 -6.73
MN MN H . -17.11 -14.47 -18.02
N1 AZI I . -17.46 -4.76 -15.00
N2 AZI I . -16.97 -5.75 -14.71
N3 AZI I . -16.48 -6.72 -14.40
N1 AZI J . -8.22 -8.09 -11.30
N2 AZI J . -7.24 -8.37 -10.78
N3 AZI J . -6.29 -8.72 -10.28
MN MN K . 23.87 15.38 1.84
N1 AZI L . 27.72 20.27 7.90
N2 AZI L . 28.54 20.98 7.58
N3 AZI L . 29.38 21.70 7.28
MN MN M . 10.28 24.83 9.63
N1 AZI N . 5.66 22.51 0.89
N2 AZI N . 6.25 22.00 1.73
N3 AZI N . 6.81 21.43 2.54
BR BR O . 10.99 16.14 25.01
C1 PEG P . 10.56 47.08 12.06
O1 PEG P . 11.75 46.69 12.70
C2 PEG P . 9.76 45.93 11.56
O2 PEG P . 10.04 45.69 10.19
C3 PEG P . 9.04 46.20 9.31
C4 PEG P . 8.92 45.32 8.10
O4 PEG P . 10.12 45.14 7.45
#